data_4MF9
#
_entry.id   4MF9
#
_cell.length_a   187.000
_cell.length_b   187.000
_cell.length_c   42.600
_cell.angle_alpha   90.00
_cell.angle_beta   90.00
_cell.angle_gamma   90.00
#
_symmetry.space_group_name_H-M   'I 4'
#
loop_
_entity.id
_entity.type
_entity.pdbx_description
1 polymer 'Hemin degrading factor'
2 non-polymer 'PROTOPORPHYRIN IX CONTAINING FE'
3 water water
#
_entity_poly.entity_id   1
_entity_poly.type   'polypeptide(L)'
_entity_poly.pdbx_seq_one_letter_code
;HHHHHHMSSTPSLSHSPAELYRAWQDLRAERPQLRARDAAALLQVSEGELVASRVGIDAVRLRPDWAALLPALGELGPIM
ALTRNEHCVHERKGPYREVTVSANGQMGLVVSPDIDLRLFLGGWNAVFAIAEETARGTQRSIQVFDQQGVAVHKVFLAEA
SDVRAWEPLVERLRAAEQDAVLALHEPRAPAAALVDAQIDAAALREGWAALKDTHHFHALLKKHGAQRTQALRLAGGEWA
ERLDNGDLAKLFEAAAESGLPIMVFVGNAHCIQIHTGPVCNLKWLDDWFNVLDPEFNLHLKTTGIAELWRVRKPSTDGIV
TSWEAFDPDGELIVQLFGARKPGEPERDDWRELAESFKAL
;
_entity_poly.pdbx_strand_id   A,B
#
loop_
_chem_comp.id
_chem_comp.type
_chem_comp.name
_chem_comp.formula
HEM non-polymer 'PROTOPORPHYRIN IX CONTAINING FE' 'C34 H32 Fe N4 O4'
#
# COMPACT_ATOMS: atom_id res chain seq x y z
N HIS A 15 33.42 4.83 11.29
CA HIS A 15 33.16 5.36 9.95
C HIS A 15 33.03 6.86 9.94
N SER A 16 33.06 7.46 8.76
CA SER A 16 32.82 8.88 8.57
C SER A 16 31.48 9.15 7.81
N PRO A 17 31.05 10.40 7.83
CA PRO A 17 29.87 10.82 7.11
C PRO A 17 29.98 10.62 5.56
N ALA A 18 31.13 10.89 4.98
CA ALA A 18 31.33 10.56 3.60
C ALA A 18 31.20 9.09 3.43
N GLU A 19 31.78 8.34 4.34
CA GLU A 19 31.78 6.90 4.35
C GLU A 19 30.35 6.36 4.53
N LEU A 20 29.60 7.02 5.38
CA LEU A 20 28.23 6.60 5.66
C LEU A 20 27.36 6.81 4.45
N TYR A 21 27.46 7.99 3.85
CA TYR A 21 26.68 8.31 2.64
C TYR A 21 26.90 7.26 1.55
N ARG A 22 28.17 6.93 1.33
CA ARG A 22 28.57 5.94 0.35
C ARG A 22 28.05 4.55 0.64
N ALA A 23 28.12 4.17 1.89
CA ALA A 23 27.63 2.88 2.37
C ALA A 23 26.13 2.77 2.14
N TRP A 24 25.43 3.86 2.39
CA TRP A 24 24.01 3.91 2.18
C TRP A 24 23.60 3.79 0.71
N GLN A 25 24.27 4.53 -0.15
CA GLN A 25 24.02 4.46 -1.60
C GLN A 25 24.31 3.08 -2.17
N ASP A 26 25.34 2.42 -1.64
CA ASP A 26 25.65 1.04 -2.01
C ASP A 26 24.51 0.11 -1.61
N LEU A 27 23.99 0.30 -0.40
CA LEU A 27 22.88 -0.46 0.10
C LEU A 27 21.63 -0.23 -0.69
N ARG A 28 21.28 1.02 -0.91
CA ARG A 28 20.11 1.31 -1.68
C ARG A 28 20.21 0.80 -3.11
N ALA A 29 21.40 0.76 -3.68
CA ALA A 29 21.57 0.19 -4.99
C ALA A 29 21.22 -1.24 -4.96
N GLU A 30 21.62 -1.91 -3.90
CA GLU A 30 21.30 -3.30 -3.69
C GLU A 30 19.84 -3.59 -3.36
N ARG A 31 19.22 -2.66 -2.66
CA ARG A 31 17.93 -2.83 -2.07
C ARG A 31 17.12 -1.56 -2.17
N PRO A 32 16.66 -1.21 -3.36
CA PRO A 32 15.99 0.08 -3.56
C PRO A 32 14.63 0.21 -2.86
N GLN A 33 14.12 -0.88 -2.30
CA GLN A 33 12.91 -0.84 -1.49
C GLN A 33 13.17 -0.23 -0.12
N LEU A 34 14.41 -0.39 0.34
CA LEU A 34 14.81 0.06 1.66
C LEU A 34 14.62 1.57 1.76
N ARG A 35 13.88 1.97 2.79
CA ARG A 35 13.74 3.39 3.07
C ARG A 35 14.85 3.89 4.02
N ALA A 36 14.95 5.19 4.20
CA ALA A 36 16.01 5.76 5.01
C ALA A 36 16.04 5.18 6.40
N ARG A 37 14.91 5.09 7.01
CA ARG A 37 14.84 4.53 8.33
C ARG A 37 15.29 3.08 8.38
N ASP A 38 14.86 2.27 7.43
CA ASP A 38 15.31 0.89 7.36
C ASP A 38 16.80 0.79 7.10
N ALA A 39 17.28 1.55 6.12
CA ALA A 39 18.70 1.55 5.78
C ALA A 39 19.57 1.96 6.96
N ALA A 40 19.18 3.02 7.66
CA ALA A 40 19.93 3.48 8.82
C ALA A 40 20.13 2.35 9.83
N ALA A 41 19.08 1.57 10.07
CA ALA A 41 19.17 0.44 10.95
C ALA A 41 20.14 -0.63 10.47
N LEU A 42 20.07 -0.95 9.20
CA LEU A 42 21.02 -1.89 8.59
C LEU A 42 22.45 -1.37 8.63
N LEU A 43 22.64 -0.08 8.54
CA LEU A 43 23.95 0.56 8.63
C LEU A 43 24.37 0.83 10.07
N GLN A 44 23.51 0.42 10.95
CA GLN A 44 23.73 0.58 12.34
C GLN A 44 23.89 2.01 12.82
N VAL A 45 23.16 2.93 12.24
CA VAL A 45 23.12 4.32 12.71
C VAL A 45 21.69 4.81 12.83
N SER A 46 21.51 6.00 13.41
CA SER A 46 20.19 6.62 13.45
C SER A 46 19.87 7.24 12.10
N GLU A 47 18.57 7.40 11.80
CA GLU A 47 18.14 8.08 10.59
C GLU A 47 18.67 9.51 10.54
N GLY A 48 18.74 10.15 11.71
CA GLY A 48 19.26 11.51 11.80
C GLY A 48 20.70 11.64 11.30
N GLU A 49 21.51 10.68 11.69
CA GLU A 49 22.89 10.60 11.27
C GLU A 49 22.98 10.38 9.77
N LEU A 50 22.13 9.52 9.27
CA LEU A 50 22.06 9.18 7.85
C LEU A 50 21.75 10.43 7.04
N VAL A 51 20.71 11.15 7.47
CA VAL A 51 20.35 12.41 6.80
C VAL A 51 21.47 13.45 6.86
N ALA A 52 22.13 13.56 8.01
CA ALA A 52 23.25 14.50 8.13
C ALA A 52 24.40 14.12 7.21
N SER A 53 24.53 12.84 6.87
CA SER A 53 25.58 12.45 5.92
C SER A 53 25.29 13.00 4.52
N ARG A 54 24.07 13.45 4.30
CA ARG A 54 23.61 14.08 3.08
C ARG A 54 23.96 15.56 2.90
N VAL A 55 24.34 16.22 3.98
CA VAL A 55 24.55 17.66 3.94
C VAL A 55 25.71 18.01 3.00
N GLY A 56 25.49 18.99 2.14
CA GLY A 56 26.50 19.35 1.14
C GLY A 56 26.33 18.52 -0.12
N ILE A 57 25.49 17.52 -0.08
CA ILE A 57 25.14 16.78 -1.25
C ILE A 57 23.76 17.11 -1.79
N ASP A 58 22.71 16.73 -1.05
CA ASP A 58 21.36 17.18 -1.37
C ASP A 58 20.53 17.61 -0.14
N ALA A 59 21.18 17.79 1.00
CA ALA A 59 20.54 18.31 2.22
C ALA A 59 21.21 19.56 2.75
N VAL A 60 20.42 20.42 3.38
CA VAL A 60 20.93 21.61 4.09
C VAL A 60 20.46 21.53 5.55
N ARG A 61 21.35 21.77 6.49
CA ARG A 61 20.98 21.77 7.88
C ARG A 61 20.35 23.09 8.21
N LEU A 62 19.21 23.08 8.88
CA LEU A 62 18.52 24.32 9.22
C LEU A 62 18.69 24.57 10.71
N ARG A 63 18.44 25.79 11.15
CA ARG A 63 18.46 26.03 12.58
C ARG A 63 17.21 25.45 13.25
N PRO A 64 17.37 24.92 14.45
CA PRO A 64 16.22 24.45 15.22
C PRO A 64 15.47 25.60 15.87
N ASP A 65 15.08 26.57 15.05
CA ASP A 65 14.35 27.75 15.49
C ASP A 65 12.89 27.50 15.21
N TRP A 66 12.22 26.74 16.08
CA TRP A 66 10.88 26.25 15.75
C TRP A 66 9.87 27.38 15.58
N ALA A 67 10.05 28.45 16.35
CA ALA A 67 9.15 29.59 16.29
C ALA A 67 9.14 30.30 14.92
N ALA A 68 10.29 30.34 14.25
CA ALA A 68 10.34 30.86 12.88
C ALA A 68 10.00 29.79 11.82
N LEU A 69 10.59 28.60 11.98
CA LEU A 69 10.43 27.53 10.98
C LEU A 69 8.98 27.07 10.81
N LEU A 70 8.32 26.73 11.92
CA LEU A 70 6.96 26.19 11.85
C LEU A 70 5.92 27.08 11.14
N PRO A 71 5.83 28.38 11.50
CA PRO A 71 4.91 29.22 10.74
C PRO A 71 5.31 29.34 9.28
N ALA A 72 6.62 29.38 9.02
CA ALA A 72 7.14 29.54 7.65
C ALA A 72 6.72 28.39 6.73
N LEU A 73 6.49 27.22 7.27
CA LEU A 73 6.09 26.14 6.44
C LEU A 73 4.79 26.43 5.75
N GLY A 74 4.04 27.34 6.33
CA GLY A 74 2.79 27.77 5.73
C GLY A 74 3.00 28.45 4.38
N GLU A 75 4.19 28.92 4.13
CA GLU A 75 4.57 29.58 2.91
C GLU A 75 4.52 28.60 1.74
N LEU A 76 4.60 27.33 2.04
CA LEU A 76 4.75 26.28 1.04
C LEU A 76 3.44 25.82 0.41
N GLY A 77 2.31 26.32 0.89
CA GLY A 77 1.02 25.87 0.39
C GLY A 77 0.73 24.45 0.83
N PRO A 78 -0.15 23.76 0.09
CA PRO A 78 -0.50 22.37 0.45
C PRO A 78 0.72 21.46 0.46
N ILE A 79 0.94 20.79 1.58
CA ILE A 79 2.03 19.84 1.71
C ILE A 79 1.48 18.49 2.15
N MET A 80 2.36 17.56 2.40
CA MET A 80 2.01 16.37 3.08
C MET A 80 2.84 16.20 4.36
N ALA A 81 2.15 16.03 5.47
CA ALA A 81 2.80 15.87 6.77
C ALA A 81 2.87 14.39 7.07
N LEU A 82 4.03 13.94 7.54
CA LEU A 82 4.24 12.52 7.84
C LEU A 82 4.70 12.36 9.27
N THR A 83 3.90 11.67 10.07
CA THR A 83 4.26 11.38 11.45
C THR A 83 4.02 9.90 11.70
N ARG A 84 4.96 9.23 12.35
CA ARG A 84 4.81 7.79 12.56
C ARG A 84 5.44 7.37 13.88
N ASN A 85 5.13 6.13 14.26
CA ASN A 85 5.90 5.46 15.28
C ASN A 85 6.35 4.15 14.62
N GLU A 86 6.77 3.18 15.36
CA GLU A 86 7.30 1.98 14.78
C GLU A 86 6.28 1.25 13.94
N HIS A 87 5.03 1.20 14.37
CA HIS A 87 4.04 0.35 13.69
C HIS A 87 2.94 1.04 12.90
N CYS A 88 2.93 2.37 12.91
CA CYS A 88 1.88 3.09 12.23
C CYS A 88 2.36 4.41 11.66
N VAL A 89 2.03 4.63 10.39
CA VAL A 89 2.38 5.84 9.67
C VAL A 89 1.14 6.63 9.29
N HIS A 90 1.14 7.91 9.62
CA HIS A 90 0.04 8.82 9.37
C HIS A 90 0.49 9.87 8.32
N GLU A 91 -0.15 9.93 7.17
CA GLU A 91 0.14 10.92 6.16
C GLU A 91 -1.05 11.77 5.85
N ARG A 92 -0.97 13.06 6.12
CA ARG A 92 -2.09 13.94 5.90
C ARG A 92 -1.72 15.10 4.99
N LYS A 93 -2.60 15.46 4.10
CA LYS A 93 -2.34 16.54 3.15
C LYS A 93 -3.13 17.79 3.46
N GLY A 94 -2.50 18.94 3.25
CA GLY A 94 -3.11 20.24 3.48
C GLY A 94 -2.06 21.32 3.72
N PRO A 95 -2.49 22.58 3.79
CA PRO A 95 -1.57 23.67 4.11
C PRO A 95 -1.08 23.59 5.57
N TYR A 96 0.19 23.93 5.82
CA TYR A 96 0.72 23.88 7.19
C TYR A 96 0.29 25.11 8.00
N ARG A 97 -0.95 25.12 8.40
CA ARG A 97 -1.55 26.16 9.23
C ARG A 97 -2.75 25.59 9.98
N GLU A 98 -3.19 26.23 11.07
CA GLU A 98 -2.67 27.45 11.60
C GLU A 98 -1.69 27.15 12.70
N VAL A 99 -0.49 27.68 12.64
CA VAL A 99 0.59 27.36 13.58
C VAL A 99 0.67 28.33 14.75
N THR A 100 0.70 27.82 15.96
CA THR A 100 1.01 28.60 17.13
C THR A 100 2.09 27.90 17.92
N VAL A 101 3.04 28.66 18.44
CA VAL A 101 4.13 28.14 19.26
C VAL A 101 4.12 28.88 20.60
N SER A 102 4.20 28.12 21.70
CA SER A 102 4.10 28.70 23.04
C SER A 102 5.20 29.72 23.36
N ALA A 103 4.99 30.50 24.41
CA ALA A 103 5.93 31.56 24.78
C ALA A 103 7.28 31.02 25.14
N ASN A 104 7.27 29.90 25.81
CA ASN A 104 8.49 29.29 26.21
C ASN A 104 9.12 28.48 25.07
N GLY A 105 8.43 28.41 23.93
CA GLY A 105 8.88 27.72 22.74
C GLY A 105 9.00 26.21 22.89
N GLN A 106 8.27 25.66 23.82
CA GLN A 106 8.32 24.23 24.02
C GLN A 106 7.10 23.48 23.48
N MET A 107 6.06 24.20 23.10
CA MET A 107 4.85 23.61 22.58
C MET A 107 4.39 24.27 21.30
N GLY A 108 4.11 23.44 20.31
CA GLY A 108 3.58 23.93 19.05
C GLY A 108 2.22 23.32 18.75
N LEU A 109 1.38 24.04 18.08
CA LEU A 109 0.16 23.52 17.59
C LEU A 109 -0.06 23.85 16.12
N VAL A 110 -0.64 22.96 15.36
CA VAL A 110 -1.19 23.26 14.05
C VAL A 110 -2.65 22.82 14.07
N VAL A 111 -3.54 23.77 13.88
CA VAL A 111 -4.96 23.50 14.05
C VAL A 111 -5.69 23.87 12.78
N SER A 112 -6.40 22.91 12.20
CA SER A 112 -7.08 23.06 10.92
C SER A 112 -7.86 21.78 10.65
N PRO A 113 -8.76 21.81 9.66
CA PRO A 113 -9.51 20.58 9.37
C PRO A 113 -8.67 19.53 8.66
N ASP A 114 -7.44 19.87 8.28
CA ASP A 114 -6.60 18.90 7.57
C ASP A 114 -5.31 18.60 8.31
N ILE A 115 -4.34 19.52 8.27
CA ILE A 115 -3.17 19.36 9.12
C ILE A 115 -3.53 19.73 10.56
N ASP A 116 -3.32 18.80 11.49
CA ASP A 116 -3.79 18.96 12.87
C ASP A 116 -2.73 18.25 13.71
N LEU A 117 -1.92 19.02 14.42
CA LEU A 117 -0.71 18.49 15.02
C LEU A 117 -0.55 19.01 16.44
N ARG A 118 -0.01 18.18 17.31
CA ARG A 118 0.42 18.65 18.63
C ARG A 118 1.91 18.36 18.70
N LEU A 119 2.69 19.44 18.86
CA LEU A 119 4.15 19.33 18.76
C LEU A 119 4.79 19.56 20.12
N PHE A 120 5.58 18.60 20.56
CA PHE A 120 6.29 18.70 21.84
C PHE A 120 7.77 18.93 21.57
N LEU A 121 8.10 20.22 21.47
CA LEU A 121 9.32 20.70 20.82
C LEU A 121 10.60 20.47 21.61
N GLY A 122 10.44 20.11 22.87
CA GLY A 122 11.56 19.95 23.75
C GLY A 122 12.56 18.93 23.37
N GLY A 123 12.10 17.82 22.82
CA GLY A 123 13.00 16.76 22.35
C GLY A 123 13.42 16.93 20.89
N TRP A 124 12.90 17.95 20.22
CA TRP A 124 13.27 18.18 18.82
C TRP A 124 14.71 18.65 18.76
N ASN A 125 15.56 17.96 18.00
CA ASN A 125 17.00 18.24 18.06
C ASN A 125 17.59 18.85 16.81
N ALA A 126 17.38 18.18 15.68
CA ALA A 126 17.97 18.64 14.43
C ALA A 126 16.92 18.63 13.33
N VAL A 127 17.08 19.53 12.37
CA VAL A 127 16.14 19.67 11.27
C VAL A 127 16.90 19.94 9.97
N PHE A 128 16.52 19.21 8.91
CA PHE A 128 17.19 19.33 7.61
C PHE A 128 16.20 19.60 6.50
N ALA A 129 16.64 20.36 5.50
CA ALA A 129 15.85 20.54 4.29
C ALA A 129 16.53 19.71 3.23
N ILE A 130 15.79 18.77 2.69
CA ILE A 130 16.29 17.87 1.68
C ILE A 130 15.73 18.23 0.29
N ALA A 131 16.58 18.28 -0.72
CA ALA A 131 16.11 18.45 -2.10
C ALA A 131 16.68 17.31 -2.93
N GLU A 132 15.95 16.23 -3.03
CA GLU A 132 16.43 14.98 -3.53
C GLU A 132 16.18 14.83 -5.03
N GLU A 133 17.21 14.64 -5.83
CA GLU A 133 17.06 14.45 -7.27
C GLU A 133 16.19 13.25 -7.56
N THR A 134 15.13 13.43 -8.30
CA THR A 134 14.37 12.37 -8.98
C THR A 134 14.79 12.26 -10.46
N ALA A 135 14.15 11.41 -11.23
CA ALA A 135 14.54 11.15 -12.62
C ALA A 135 14.45 12.40 -13.38
N ARG A 136 13.44 13.15 -13.04
CA ARG A 136 13.07 14.29 -13.75
C ARG A 136 12.96 15.58 -12.97
N GLY A 137 12.59 15.44 -11.71
CA GLY A 137 12.42 16.56 -10.82
C GLY A 137 13.17 16.35 -9.52
N THR A 138 12.76 17.07 -8.48
CA THR A 138 13.41 17.00 -7.19
C THR A 138 12.37 16.92 -6.07
N GLN A 139 12.57 16.02 -5.15
CA GLN A 139 11.64 15.79 -4.06
C GLN A 139 12.16 16.52 -2.83
N ARG A 140 11.39 17.47 -2.35
CA ARG A 140 11.80 18.36 -1.28
C ARG A 140 11.08 18.03 0.02
N SER A 141 11.79 18.03 1.09
CA SER A 141 11.21 17.75 2.39
C SER A 141 11.92 18.45 3.52
N ILE A 142 11.18 18.75 4.58
CA ILE A 142 11.77 19.20 5.86
C ILE A 142 11.69 18.04 6.84
N GLN A 143 12.81 17.62 7.40
CA GLN A 143 12.79 16.46 8.25
C GLN A 143 13.40 16.73 9.63
N VAL A 144 12.68 16.38 10.68
CA VAL A 144 13.09 16.69 12.04
C VAL A 144 13.44 15.42 12.79
N PHE A 145 14.52 15.49 13.59
CA PHE A 145 15.00 14.34 14.36
C PHE A 145 15.21 14.65 15.84
N ASP A 146 15.04 13.63 16.70
CA ASP A 146 15.10 13.83 18.15
C ASP A 146 16.52 13.66 18.72
N GLN A 147 16.65 13.65 20.04
CA GLN A 147 17.91 13.56 20.67
C GLN A 147 18.67 12.29 20.34
N GLN A 148 17.95 11.25 19.93
CA GLN A 148 18.57 9.97 19.59
C GLN A 148 18.73 9.77 18.08
N GLY A 149 18.36 10.78 17.31
CA GLY A 149 18.44 10.68 15.86
C GLY A 149 17.24 10.02 15.19
N VAL A 150 16.20 9.73 15.98
CA VAL A 150 15.00 9.09 15.43
C VAL A 150 14.09 10.16 14.85
N ALA A 151 13.47 9.87 13.72
CA ALA A 151 12.57 10.85 13.10
C ALA A 151 11.48 11.32 14.04
N VAL A 152 11.22 12.62 14.02
CA VAL A 152 10.12 13.18 14.80
C VAL A 152 8.91 13.40 13.92
N HIS A 153 9.15 14.04 12.78
CA HIS A 153 8.09 14.62 11.96
C HIS A 153 8.72 15.04 10.63
N LYS A 154 8.00 14.85 9.53
CA LYS A 154 8.50 15.29 8.22
C LYS A 154 7.40 15.99 7.47
N VAL A 155 7.76 17.00 6.68
CA VAL A 155 6.79 17.60 5.78
C VAL A 155 7.30 17.62 4.35
N PHE A 156 6.50 17.05 3.46
CA PHE A 156 6.90 16.85 2.08
C PHE A 156 6.20 17.83 1.17
N LEU A 157 6.94 18.46 0.28
CA LEU A 157 6.30 19.24 -0.78
C LEU A 157 5.61 18.28 -1.75
N ALA A 158 4.46 18.65 -2.25
CA ALA A 158 3.78 17.82 -3.19
C ALA A 158 3.40 18.57 -4.46
N GLU A 159 2.51 18.00 -5.18
CA GLU A 159 2.15 18.40 -6.51
C GLU A 159 1.76 19.86 -6.51
N ALA A 160 1.12 20.29 -5.42
CA ALA A 160 0.39 21.54 -5.26
C ALA A 160 1.09 22.55 -4.34
N SER A 161 2.34 22.26 -3.95
CA SER A 161 3.10 23.18 -3.10
C SER A 161 3.60 24.37 -3.89
N ASP A 162 3.86 25.47 -3.20
CA ASP A 162 4.42 26.65 -3.85
C ASP A 162 5.94 26.51 -3.93
N VAL A 163 6.43 25.92 -4.99
CA VAL A 163 7.82 25.59 -5.08
C VAL A 163 8.71 26.80 -4.94
N ARG A 164 8.24 27.95 -5.30
CA ARG A 164 9.06 29.12 -5.21
C ARG A 164 9.29 29.64 -3.77
N ALA A 165 8.59 29.08 -2.80
CA ALA A 165 8.79 29.47 -1.41
C ALA A 165 9.99 28.72 -0.86
N TRP A 166 10.33 27.60 -1.49
CA TRP A 166 11.36 26.68 -1.00
C TRP A 166 12.74 27.32 -0.74
N GLU A 167 13.35 27.91 -1.76
CA GLU A 167 14.68 28.40 -1.57
C GLU A 167 14.84 29.54 -0.58
N PRO A 168 13.96 30.50 -0.62
CA PRO A 168 14.05 31.57 0.38
C PRO A 168 13.84 31.06 1.80
N LEU A 169 12.99 30.07 1.95
CA LEU A 169 12.82 29.48 3.25
C LEU A 169 14.06 28.81 3.75
N VAL A 170 14.68 28.02 2.89
CA VAL A 170 15.92 27.33 3.25
C VAL A 170 17.04 28.32 3.63
N GLU A 171 17.22 29.36 2.84
CA GLU A 171 18.30 30.32 3.07
C GLU A 171 18.14 31.07 4.37
N ARG A 172 16.93 31.45 4.68
CA ARG A 172 16.59 32.18 5.89
C ARG A 172 16.84 31.36 7.17
N LEU A 173 16.57 30.06 7.08
CA LEU A 173 16.70 29.14 8.21
C LEU A 173 18.00 28.35 8.21
N ARG A 174 18.81 28.48 7.18
CA ARG A 174 20.02 27.71 7.06
C ARG A 174 20.98 27.92 8.23
N ALA A 175 21.46 26.83 8.78
CA ALA A 175 22.35 26.88 9.94
C ALA A 175 23.73 27.37 9.50
N ALA A 176 24.45 28.03 10.40
CA ALA A 176 25.78 28.54 10.09
C ALA A 176 26.79 27.41 9.94
N GLU A 177 26.78 26.47 10.86
CA GLU A 177 27.61 25.32 10.72
C GLU A 177 26.87 24.18 10.09
N GLN A 178 27.07 24.06 8.81
CA GLN A 178 26.31 23.14 7.99
C GLN A 178 26.52 21.68 8.41
N ASP A 179 27.72 21.19 8.39
CA ASP A 179 28.05 20.07 9.18
C ASP A 179 27.51 18.76 8.65
N ALA A 180 28.04 17.65 9.07
CA ALA A 180 27.40 16.42 8.67
C ALA A 180 27.48 15.34 9.75
N VAL A 181 27.67 15.74 10.98
CA VAL A 181 27.92 14.78 12.00
C VAL A 181 26.70 14.46 12.90
N LEU A 182 26.14 15.49 13.49
CA LEU A 182 24.92 15.40 14.33
C LEU A 182 25.18 14.96 15.78
N ALA A 183 24.91 15.86 16.70
CA ALA A 183 25.11 15.59 18.09
C ALA A 183 23.96 14.79 18.68
N LEU A 184 24.27 13.73 19.40
CA LEU A 184 23.22 12.91 19.99
C LEU A 184 23.44 12.69 21.48
N HIS A 185 22.34 12.68 22.23
CA HIS A 185 22.32 12.51 23.65
C HIS A 185 21.93 11.12 24.02
N GLU A 186 22.41 10.65 25.15
CA GLU A 186 22.10 9.29 25.53
C GLU A 186 20.67 9.25 26.06
N PRO A 187 19.94 8.18 25.78
CA PRO A 187 18.53 8.18 26.16
C PRO A 187 18.36 8.31 27.63
N ARG A 188 17.40 9.18 27.96
CA ARG A 188 17.07 9.66 29.35
C ARG A 188 16.15 8.77 30.20
N ALA A 189 16.12 9.04 31.50
CA ALA A 189 15.81 8.04 32.50
C ALA A 189 14.52 7.31 32.34
N PRO A 190 14.55 5.98 32.27
CA PRO A 190 13.28 5.25 32.40
C PRO A 190 12.95 4.89 33.86
N ALA A 191 11.95 5.46 34.50
CA ALA A 191 11.61 4.96 35.84
C ALA A 191 11.24 3.53 35.61
N ALA A 192 11.60 2.68 36.54
CA ALA A 192 11.16 1.32 36.44
C ALA A 192 9.66 1.31 36.74
N ALA A 193 8.89 0.55 36.01
CA ALA A 193 7.47 0.44 36.29
C ALA A 193 7.24 -0.17 37.66
N LEU A 194 6.19 0.27 38.30
CA LEU A 194 5.67 -0.40 39.45
C LEU A 194 4.97 -1.64 38.98
N VAL A 195 4.91 -2.66 39.80
CA VAL A 195 4.03 -3.78 39.56
C VAL A 195 2.58 -3.36 39.83
N ASP A 196 1.62 -4.10 39.33
CA ASP A 196 0.25 -3.67 39.39
C ASP A 196 -0.13 -3.54 40.86
N ALA A 197 0.34 -4.44 41.69
CA ALA A 197 0.01 -4.50 43.11
C ALA A 197 0.55 -3.31 43.91
N GLN A 198 1.42 -2.51 43.30
CA GLN A 198 1.96 -1.33 43.96
C GLN A 198 1.19 -0.06 43.63
N ILE A 199 0.31 -0.13 42.65
CA ILE A 199 -0.53 0.98 42.32
C ILE A 199 -1.72 1.09 43.27
N ASP A 200 -2.03 2.32 43.70
CA ASP A 200 -3.26 2.56 44.47
C ASP A 200 -4.45 2.54 43.50
N ALA A 201 -5.04 1.37 43.30
CA ALA A 201 -6.09 1.18 42.29
C ALA A 201 -7.37 1.96 42.61
N ALA A 202 -7.74 2.05 43.87
CA ALA A 202 -8.90 2.77 44.30
C ALA A 202 -8.80 4.28 44.07
N ALA A 203 -7.65 4.82 44.37
CA ALA A 203 -7.41 6.21 44.09
C ALA A 203 -7.46 6.51 42.60
N LEU A 204 -6.82 5.67 41.84
CA LEU A 204 -6.81 5.82 40.39
C LEU A 204 -8.21 5.78 39.83
N ARG A 205 -8.99 4.82 40.25
CA ARG A 205 -10.39 4.72 39.87
C ARG A 205 -11.20 5.91 40.33
N GLU A 206 -10.94 6.35 41.55
CA GLU A 206 -11.64 7.52 42.02
C GLU A 206 -11.38 8.75 41.18
N GLY A 207 -10.10 8.99 40.89
CA GLY A 207 -9.71 10.06 40.00
C GLY A 207 -10.23 9.89 38.59
N TRP A 208 -10.27 8.65 38.11
CA TRP A 208 -10.79 8.34 36.78
C TRP A 208 -12.25 8.78 36.65
N ALA A 209 -13.06 8.39 37.60
CA ALA A 209 -14.45 8.74 37.68
C ALA A 209 -14.64 10.28 37.74
N ALA A 210 -13.67 10.96 38.31
CA ALA A 210 -13.69 12.41 38.49
C ALA A 210 -13.13 13.25 37.31
N LEU A 211 -12.63 12.59 36.28
CA LEU A 211 -12.02 13.27 35.16
C LEU A 211 -12.91 14.27 34.54
N LYS A 212 -12.40 15.49 34.30
CA LYS A 212 -13.18 16.50 33.61
C LYS A 212 -12.86 16.84 32.14
N ASP A 213 -11.75 16.40 31.68
CA ASP A 213 -11.38 16.62 30.28
C ASP A 213 -10.36 15.56 29.90
N THR A 214 -10.48 15.02 28.70
CA THR A 214 -9.62 13.94 28.26
C THR A 214 -8.15 14.33 28.25
N HIS A 215 -7.91 15.63 28.23
CA HIS A 215 -6.56 16.18 28.33
C HIS A 215 -5.90 16.04 29.68
N HIS A 216 -6.67 15.70 30.68
CA HIS A 216 -6.20 15.59 32.04
C HIS A 216 -5.80 14.18 32.39
N PHE A 217 -5.96 13.29 31.45
CA PHE A 217 -5.70 11.88 31.70
C PHE A 217 -4.23 11.67 32.03
N HIS A 218 -3.39 12.32 31.29
CA HIS A 218 -1.98 12.11 31.45
C HIS A 218 -1.53 12.44 32.87
N ALA A 219 -1.96 13.55 33.36
CA ALA A 219 -1.60 13.94 34.68
C ALA A 219 -2.09 12.94 35.71
N LEU A 220 -3.21 12.31 35.46
CA LEU A 220 -3.77 11.30 36.34
C LEU A 220 -2.88 10.07 36.43
N LEU A 221 -2.33 9.66 35.30
CA LEU A 221 -1.40 8.59 35.32
C LEU A 221 -0.14 8.94 36.08
N LYS A 222 0.35 10.13 35.85
CA LYS A 222 1.55 10.60 36.52
C LYS A 222 1.32 10.60 38.01
N LYS A 223 0.11 10.96 38.38
CA LYS A 223 -0.24 11.08 39.76
C LYS A 223 -0.15 9.79 40.52
N HIS A 224 -0.55 8.69 39.91
CA HIS A 224 -0.52 7.39 40.58
C HIS A 224 0.64 6.52 40.14
N GLY A 225 1.49 7.06 39.32
CA GLY A 225 2.66 6.34 38.88
C GLY A 225 2.40 5.14 38.00
N ALA A 226 1.30 5.14 37.28
CA ALA A 226 0.93 3.98 36.49
C ALA A 226 1.26 4.16 35.02
N GLN A 227 1.69 3.07 34.37
CA GLN A 227 1.79 3.02 32.91
C GLN A 227 0.39 3.01 32.29
N ARG A 228 0.27 3.47 31.07
CA ARG A 228 -1.03 3.60 30.50
C ARG A 228 -1.80 2.25 30.41
N THR A 229 -1.14 1.22 29.94
CA THR A 229 -1.78 -0.09 29.83
C THR A 229 -2.11 -0.63 31.21
N GLN A 230 -1.23 -0.35 32.16
CA GLN A 230 -1.42 -0.73 33.54
C GLN A 230 -2.67 -0.09 34.14
N ALA A 231 -2.89 1.18 33.89
CA ALA A 231 -4.09 1.83 34.41
C ALA A 231 -5.36 1.27 33.76
N LEU A 232 -5.31 0.96 32.47
CA LEU A 232 -6.46 0.39 31.77
C LEU A 232 -6.84 -0.94 32.40
N ARG A 233 -5.83 -1.73 32.70
CA ARG A 233 -5.93 -3.01 33.34
C ARG A 233 -6.56 -2.91 34.72
N LEU A 234 -6.23 -1.84 35.44
CA LEU A 234 -6.67 -1.68 36.82
C LEU A 234 -7.95 -0.87 36.94
N ALA A 235 -8.38 -0.26 35.83
CA ALA A 235 -9.55 0.62 35.85
C ALA A 235 -10.85 -0.13 36.12
N GLY A 236 -10.97 -1.32 35.52
CA GLY A 236 -12.21 -2.09 35.63
C GLY A 236 -12.99 -1.98 34.33
N GLY A 237 -13.79 -2.99 34.02
CA GLY A 237 -14.48 -3.10 32.76
C GLY A 237 -15.38 -1.96 32.35
N GLU A 238 -15.92 -1.23 33.32
CA GLU A 238 -16.76 -0.09 32.95
C GLU A 238 -15.94 1.04 32.32
N TRP A 239 -14.65 1.07 32.61
CA TRP A 239 -13.79 2.17 32.11
C TRP A 239 -12.90 1.71 30.95
N ALA A 240 -12.54 0.43 30.94
CA ALA A 240 -11.62 -0.08 29.94
C ALA A 240 -11.71 -1.59 29.80
N GLU A 241 -11.82 -2.06 28.58
CA GLU A 241 -11.91 -3.47 28.26
C GLU A 241 -10.98 -3.86 27.14
N ARG A 242 -10.25 -4.92 27.29
CA ARG A 242 -9.41 -5.45 26.20
C ARG A 242 -10.22 -6.06 25.07
N LEU A 243 -9.79 -5.83 23.86
CA LEU A 243 -10.44 -6.33 22.66
C LEU A 243 -9.55 -7.25 21.84
N ASP A 244 -10.13 -8.09 21.01
CA ASP A 244 -9.36 -8.94 20.16
C ASP A 244 -8.57 -8.00 19.22
N ASN A 245 -7.28 -8.20 19.11
CA ASN A 245 -6.43 -7.32 18.32
C ASN A 245 -6.89 -7.11 16.90
N GLY A 246 -7.56 -8.12 16.33
CA GLY A 246 -7.99 -8.03 14.95
C GLY A 246 -9.21 -7.16 14.76
N ASP A 247 -9.88 -6.78 15.85
CA ASP A 247 -11.05 -5.91 15.77
C ASP A 247 -10.76 -4.51 15.21
N LEU A 248 -9.58 -3.97 15.46
CA LEU A 248 -9.28 -2.60 15.03
C LEU A 248 -9.48 -2.40 13.53
N ALA A 249 -8.98 -3.31 12.71
CA ALA A 249 -9.17 -3.23 11.26
C ALA A 249 -10.66 -3.32 10.88
N LYS A 250 -11.38 -4.15 11.59
CA LYS A 250 -12.78 -4.36 11.38
C LYS A 250 -13.60 -3.14 11.66
N LEU A 251 -13.20 -2.39 12.68
CA LEU A 251 -13.86 -1.11 13.01
C LEU A 251 -13.65 -0.07 11.91
N PHE A 252 -12.43 0.00 11.37
CA PHE A 252 -12.16 0.86 10.22
C PHE A 252 -13.09 0.47 9.07
N GLU A 253 -13.18 -0.82 8.81
CA GLU A 253 -13.98 -1.36 7.73
C GLU A 253 -15.44 -1.00 7.91
N ALA A 254 -15.92 -1.12 9.14
CA ALA A 254 -17.31 -0.78 9.46
C ALA A 254 -17.53 0.72 9.34
N ALA A 255 -16.57 1.52 9.80
CA ALA A 255 -16.67 2.98 9.68
C ALA A 255 -16.61 3.42 8.22
N ALA A 256 -15.83 2.69 7.43
CA ALA A 256 -15.77 2.98 6.01
C ALA A 256 -17.15 2.74 5.42
N GLU A 257 -17.76 1.66 5.89
CA GLU A 257 -19.05 1.19 5.40
C GLU A 257 -20.11 2.26 5.61
N SER A 258 -20.12 2.93 6.76
CA SER A 258 -21.09 3.95 7.10
C SER A 258 -20.83 5.42 6.90
N GLY A 259 -19.60 5.81 6.65
CA GLY A 259 -19.29 7.22 6.43
C GLY A 259 -19.14 7.99 7.72
N LEU A 260 -19.04 7.31 8.82
CA LEU A 260 -18.90 7.94 10.09
C LEU A 260 -17.57 8.72 10.19
N PRO A 261 -17.67 9.97 10.46
CA PRO A 261 -16.46 10.79 10.67
C PRO A 261 -15.80 10.42 11.99
N ILE A 262 -14.52 10.05 11.91
CA ILE A 262 -13.79 9.61 13.09
C ILE A 262 -12.55 10.48 13.29
N MET A 263 -11.78 10.24 14.32
CA MET A 263 -10.50 10.87 14.56
C MET A 263 -9.45 9.81 14.73
N VAL A 264 -8.34 9.95 14.05
CA VAL A 264 -7.27 9.03 14.13
C VAL A 264 -6.00 9.73 14.61
N PHE A 265 -5.51 9.35 15.79
CA PHE A 265 -4.33 9.95 16.42
C PHE A 265 -3.15 9.02 16.23
N VAL A 266 -2.09 9.49 15.67
CA VAL A 266 -0.85 8.75 15.59
C VAL A 266 0.34 9.61 15.95
N GLY A 267 1.15 9.13 16.85
CA GLY A 267 2.32 9.88 17.23
C GLY A 267 3.45 9.10 17.83
N ASN A 268 4.42 9.85 18.33
CA ASN A 268 5.59 9.33 19.02
C ASN A 268 5.77 10.25 20.22
N ALA A 269 6.90 10.15 20.90
CA ALA A 269 7.11 10.95 22.11
C ALA A 269 7.09 12.47 21.85
N HIS A 270 7.30 12.88 20.59
CA HIS A 270 7.53 14.29 20.31
C HIS A 270 6.50 14.97 19.41
N CYS A 271 5.60 14.19 18.83
CA CYS A 271 4.69 14.73 17.85
C CYS A 271 3.47 13.84 17.76
N ILE A 272 2.29 14.46 17.74
CA ILE A 272 1.07 13.73 17.49
C ILE A 272 0.35 14.35 16.31
N GLN A 273 -0.07 13.52 15.37
CA GLN A 273 -0.75 13.95 14.15
C GLN A 273 -2.16 13.33 14.12
N ILE A 274 -3.14 14.12 13.70
CA ILE A 274 -4.55 13.74 13.84
C ILE A 274 -5.25 13.89 12.50
N HIS A 275 -6.09 12.90 12.16
CA HIS A 275 -7.00 13.03 11.03
C HIS A 275 -8.41 13.10 11.58
N THR A 276 -9.19 14.08 11.12
CA THR A 276 -10.61 14.16 11.46
C THR A 276 -11.42 14.00 10.19
N GLY A 277 -12.39 13.09 10.21
CA GLY A 277 -13.24 12.89 9.05
C GLY A 277 -13.46 11.42 8.77
N PRO A 278 -14.20 11.10 7.74
CA PRO A 278 -14.43 9.70 7.37
C PRO A 278 -13.22 9.05 6.74
N VAL A 279 -13.22 7.75 6.70
CA VAL A 279 -12.29 7.01 5.91
C VAL A 279 -13.11 6.28 4.87
N CYS A 280 -12.59 6.12 3.66
CA CYS A 280 -13.40 5.52 2.59
C CYS A 280 -12.72 4.32 1.98
N ASN A 281 -11.50 4.50 1.54
CA ASN A 281 -10.86 3.48 0.77
C ASN A 281 -9.86 2.77 1.56
N LEU A 282 -10.03 1.47 1.75
CA LEU A 282 -9.24 0.70 2.65
C LEU A 282 -8.64 -0.51 1.96
N LYS A 283 -7.45 -0.91 2.35
CA LYS A 283 -6.84 -2.06 1.76
C LYS A 283 -5.78 -2.79 2.58
N TRP A 284 -5.82 -4.10 2.54
CA TRP A 284 -4.81 -4.93 3.09
C TRP A 284 -3.65 -5.17 2.10
N LEU A 285 -2.42 -5.19 2.57
CA LEU A 285 -1.31 -5.71 1.82
C LEU A 285 -0.47 -6.38 2.82
N ASP A 286 -0.47 -7.70 2.77
CA ASP A 286 0.26 -8.49 3.72
C ASP A 286 -0.18 -8.07 5.14
N ASP A 287 0.75 -7.83 6.05
CA ASP A 287 0.43 -7.45 7.44
C ASP A 287 0.00 -6.00 7.59
N TRP A 288 0.06 -5.25 6.49
CA TRP A 288 -0.30 -3.84 6.48
C TRP A 288 -1.77 -3.65 6.24
N PHE A 289 -2.42 -2.93 7.15
CA PHE A 289 -3.77 -2.47 6.92
C PHE A 289 -3.68 -0.98 6.58
N ASN A 290 -4.35 -0.58 5.51
CA ASN A 290 -4.14 0.75 4.96
C ASN A 290 -5.41 1.55 4.73
N VAL A 291 -5.35 2.83 5.08
CA VAL A 291 -6.34 3.80 4.63
C VAL A 291 -5.71 4.51 3.44
N LEU A 292 -6.45 4.68 2.35
CA LEU A 292 -5.87 5.22 1.14
C LEU A 292 -6.72 6.20 0.43
N ASP A 293 -6.98 7.27 1.10
CA ASP A 293 -7.88 8.29 0.60
C ASP A 293 -7.10 9.45 0.01
N PRO A 294 -7.77 10.31 -0.73
CA PRO A 294 -7.06 11.35 -1.45
C PRO A 294 -6.23 12.23 -0.51
N GLU A 295 -6.79 12.74 0.57
CA GLU A 295 -6.04 13.59 1.48
C GLU A 295 -5.45 12.91 2.71
N PHE A 296 -5.63 11.62 2.83
CA PHE A 296 -5.22 10.91 4.04
C PHE A 296 -4.82 9.48 3.76
N ASN A 297 -3.60 9.12 4.10
CA ASN A 297 -3.15 7.76 4.05
C ASN A 297 -2.69 7.27 5.41
N LEU A 298 -2.99 6.06 5.76
CA LEU A 298 -2.61 5.51 7.03
C LEU A 298 -2.06 4.13 6.75
N HIS A 299 -0.93 3.79 7.33
CA HIS A 299 -0.32 2.49 7.12
C HIS A 299 -0.08 1.85 8.49
N LEU A 300 -0.86 0.82 8.80
CA LEU A 300 -0.83 0.15 10.10
C LEU A 300 -0.31 -1.29 10.04
N LYS A 301 0.78 -1.55 10.71
CA LYS A 301 1.34 -2.84 10.81
C LYS A 301 0.61 -3.62 11.91
N THR A 302 -0.48 -4.26 11.54
CA THR A 302 -1.34 -4.99 12.48
C THR A 302 -0.61 -5.97 13.39
N THR A 303 0.49 -6.54 12.89
CA THR A 303 1.26 -7.53 13.65
C THR A 303 2.03 -6.92 14.82
N GLY A 304 2.16 -5.59 14.81
CA GLY A 304 2.90 -4.92 15.86
C GLY A 304 2.02 -4.61 17.05
N ILE A 305 0.72 -4.79 16.87
CA ILE A 305 -0.28 -4.54 17.92
C ILE A 305 -0.29 -5.65 18.95
N ALA A 306 0.08 -5.31 20.18
CA ALA A 306 0.10 -6.30 21.25
C ALA A 306 -1.19 -6.29 22.06
N GLU A 307 -1.74 -5.10 22.32
CA GLU A 307 -3.01 -4.97 23.04
C GLU A 307 -3.90 -3.93 22.41
N LEU A 308 -5.21 -4.18 22.52
CA LEU A 308 -6.22 -3.29 21.95
C LEU A 308 -7.29 -3.09 23.02
N TRP A 309 -7.53 -1.83 23.38
CA TRP A 309 -8.47 -1.51 24.45
C TRP A 309 -9.57 -0.56 23.99
N ARG A 310 -10.78 -0.84 24.44
CA ARG A 310 -11.84 0.12 24.42
C ARG A 310 -11.78 0.93 25.74
N VAL A 311 -11.77 2.24 25.66
CA VAL A 311 -11.59 3.05 26.86
C VAL A 311 -12.68 4.10 26.95
N ARG A 312 -13.19 4.34 28.15
CA ARG A 312 -14.19 5.33 28.39
C ARG A 312 -13.72 6.29 29.50
N LYS A 313 -13.70 7.56 29.20
CA LYS A 313 -13.27 8.56 30.14
C LYS A 313 -14.35 9.65 30.32
N PRO A 314 -14.70 9.96 31.55
CA PRO A 314 -15.63 11.04 31.85
C PRO A 314 -14.97 12.37 31.49
N SER A 315 -15.79 13.37 31.24
CA SER A 315 -15.27 14.71 30.96
C SER A 315 -16.43 15.67 31.11
N THR A 316 -16.14 16.96 31.07
CA THR A 316 -17.15 18.01 31.17
C THR A 316 -18.15 17.91 30.05
N ASP A 317 -17.74 17.41 28.90
CA ASP A 317 -18.65 17.24 27.77
C ASP A 317 -19.28 15.85 27.80
N GLY A 318 -19.02 15.11 28.87
CA GLY A 318 -19.57 13.77 29.04
C GLY A 318 -18.59 12.65 28.71
N ILE A 319 -19.06 11.43 28.70
CA ILE A 319 -18.19 10.32 28.40
C ILE A 319 -17.57 10.35 26.98
N VAL A 320 -16.28 10.08 26.93
CA VAL A 320 -15.59 9.97 25.64
C VAL A 320 -15.06 8.55 25.47
N THR A 321 -15.47 7.92 24.38
CA THR A 321 -15.05 6.55 24.10
C THR A 321 -13.97 6.54 23.01
N SER A 322 -12.93 5.73 23.22
CA SER A 322 -11.83 5.62 22.27
C SER A 322 -11.38 4.18 22.22
N TRP A 323 -10.68 3.81 21.15
CA TRP A 323 -9.94 2.55 21.07
C TRP A 323 -8.46 2.90 21.05
N GLU A 324 -7.67 2.18 21.82
CA GLU A 324 -6.24 2.45 21.97
C GLU A 324 -5.44 1.17 21.76
N ALA A 325 -4.56 1.20 20.76
CA ALA A 325 -3.73 0.05 20.43
C ALA A 325 -2.30 0.29 20.91
N PHE A 326 -1.72 -0.69 21.54
CA PHE A 326 -0.40 -0.64 22.08
C PHE A 326 0.53 -1.72 21.53
N ASP A 327 1.81 -1.39 21.44
CA ASP A 327 2.85 -2.35 21.10
C ASP A 327 3.34 -3.12 22.33
N PRO A 328 4.32 -4.01 22.17
CA PRO A 328 4.82 -4.79 23.27
C PRO A 328 5.54 -3.96 24.32
N ASP A 329 5.85 -2.73 24.03
CA ASP A 329 6.56 -1.89 25.00
C ASP A 329 5.60 -1.01 25.81
N GLY A 330 4.31 -1.14 25.55
CA GLY A 330 3.31 -0.35 26.26
C GLY A 330 3.09 1.01 25.63
N GLU A 331 3.68 1.24 24.46
CA GLU A 331 3.52 2.52 23.78
C GLU A 331 2.33 2.51 22.83
N LEU A 332 1.65 3.61 22.70
CA LEU A 332 0.51 3.77 21.86
C LEU A 332 0.87 3.76 20.35
N ILE A 333 0.31 2.81 19.60
CA ILE A 333 0.36 2.85 18.15
C ILE A 333 -0.54 3.85 17.44
N VAL A 334 -1.81 3.78 17.78
CA VAL A 334 -2.82 4.60 17.23
C VAL A 334 -4.03 4.67 18.16
N GLN A 335 -4.76 5.75 18.14
CA GLN A 335 -5.98 5.88 18.93
C GLN A 335 -7.09 6.35 18.03
N LEU A 336 -8.28 5.85 18.28
CA LEU A 336 -9.44 6.26 17.55
C LEU A 336 -10.48 6.91 18.45
N PHE A 337 -11.04 8.03 18.02
CA PHE A 337 -12.18 8.61 18.71
C PHE A 337 -13.23 8.88 17.65
N GLY A 338 -14.40 9.35 18.09
CA GLY A 338 -15.38 9.88 17.17
C GLY A 338 -15.11 11.36 16.95
N ALA A 339 -15.49 11.88 15.79
CA ALA A 339 -15.28 13.30 15.54
C ALA A 339 -16.18 14.13 16.46
N ARG A 340 -15.61 15.16 17.05
CA ARG A 340 -16.29 16.00 18.02
C ARG A 340 -15.61 17.37 18.23
N LYS A 341 -16.39 18.39 18.53
CA LYS A 341 -15.89 19.69 18.88
C LYS A 341 -15.89 19.90 20.36
N PRO A 342 -14.92 20.58 20.89
CA PRO A 342 -14.96 20.73 22.34
C PRO A 342 -16.26 21.47 22.65
N GLY A 343 -17.02 20.99 23.62
CA GLY A 343 -18.36 21.43 23.90
C GLY A 343 -19.46 20.54 23.42
N GLU A 344 -19.18 19.73 22.44
CA GLU A 344 -20.13 18.75 22.02
C GLU A 344 -19.78 17.42 22.68
N PRO A 345 -20.80 16.65 22.96
CA PRO A 345 -20.66 15.29 23.41
C PRO A 345 -20.31 14.41 22.23
N GLU A 346 -19.86 13.19 22.42
CA GLU A 346 -19.52 12.37 21.30
C GLU A 346 -20.79 11.96 20.59
N ARG A 347 -20.69 11.53 19.35
CA ARG A 347 -21.86 11.17 18.56
C ARG A 347 -22.32 9.76 18.84
N ASP A 348 -23.60 9.50 18.75
CA ASP A 348 -24.12 8.20 19.05
C ASP A 348 -23.63 7.14 18.11
N ASP A 349 -23.46 7.48 16.86
CA ASP A 349 -23.04 6.52 15.88
C ASP A 349 -21.65 5.99 16.20
N TRP A 350 -20.80 6.88 16.63
CA TRP A 350 -19.47 6.48 17.05
C TRP A 350 -19.54 5.54 18.25
N ARG A 351 -20.28 5.94 19.27
CA ARG A 351 -20.32 5.20 20.49
C ARG A 351 -20.89 3.84 20.24
N GLU A 352 -21.90 3.74 19.43
CA GLU A 352 -22.46 2.49 19.06
C GLU A 352 -21.47 1.59 18.33
N LEU A 353 -20.74 2.12 17.39
CA LEU A 353 -19.73 1.32 16.77
C LEU A 353 -18.60 0.88 17.69
N ALA A 354 -18.11 1.81 18.48
CA ALA A 354 -17.06 1.56 19.46
C ALA A 354 -17.46 0.47 20.47
N GLU A 355 -18.71 0.43 20.84
CA GLU A 355 -19.18 -0.60 21.78
C GLU A 355 -19.70 -1.87 21.13
N SER A 356 -19.86 -1.88 19.83
CA SER A 356 -20.45 -3.04 19.14
C SER A 356 -19.56 -4.29 19.23
N PHE A 357 -18.27 -4.09 19.50
CA PHE A 357 -17.34 -5.21 19.48
C PHE A 357 -17.21 -5.87 20.85
N LYS A 358 -17.15 -7.19 20.86
CA LYS A 358 -17.14 -7.93 22.08
C LYS A 358 -15.80 -7.93 22.82
N ALA A 359 -15.82 -7.66 24.11
CA ALA A 359 -14.60 -7.67 24.91
C ALA A 359 -14.05 -9.09 25.07
N LEU A 360 -12.75 -9.20 25.33
CA LEU A 360 -12.20 -10.49 25.70
C LEU A 360 -12.69 -10.86 27.10
N LEU B 20 -13.15 -31.15 3.99
CA LEU B 20 -14.19 -30.46 3.26
C LEU B 20 -15.10 -29.45 4.06
N TYR B 21 -16.08 -29.91 4.76
CA TYR B 21 -16.62 -29.09 5.79
C TYR B 21 -15.40 -28.88 6.74
N ARG B 22 -14.51 -29.88 6.80
CA ARG B 22 -13.31 -29.84 7.61
C ARG B 22 -12.31 -28.80 7.19
N ALA B 23 -12.09 -28.69 5.87
CA ALA B 23 -11.23 -27.67 5.35
C ALA B 23 -11.74 -26.26 5.69
N TRP B 24 -13.01 -25.97 5.51
CA TRP B 24 -13.55 -24.69 5.84
C TRP B 24 -13.43 -24.39 7.34
N GLN B 25 -13.66 -25.41 8.17
CA GLN B 25 -13.60 -25.27 9.61
C GLN B 25 -12.19 -24.90 10.00
N ASP B 26 -11.22 -25.49 9.37
CA ASP B 26 -9.82 -25.17 9.55
C ASP B 26 -9.50 -23.74 9.14
N LEU B 27 -10.00 -23.26 8.02
CA LEU B 27 -9.78 -21.89 7.60
C LEU B 27 -10.36 -20.98 8.65
N ARG B 28 -11.46 -21.33 9.28
CA ARG B 28 -12.02 -20.45 10.26
C ARG B 28 -11.09 -20.23 11.41
N ALA B 29 -10.40 -21.25 11.85
CA ALA B 29 -9.47 -21.08 12.93
C ALA B 29 -8.37 -20.09 12.56
N GLU B 30 -8.13 -19.93 11.28
CA GLU B 30 -6.99 -19.17 10.81
C GLU B 30 -7.11 -17.67 10.71
N ARG B 31 -8.15 -17.19 10.10
CA ARG B 31 -8.11 -15.89 9.53
C ARG B 31 -7.51 -14.79 10.46
N PRO B 32 -6.60 -13.93 9.92
CA PRO B 32 -6.37 -12.58 10.42
C PRO B 32 -6.16 -11.56 9.28
N GLN B 33 -4.93 -11.26 8.96
CA GLN B 33 -4.57 -10.56 7.76
C GLN B 33 -4.77 -11.42 6.54
N LEU B 34 -4.70 -12.72 6.70
CA LEU B 34 -4.47 -13.64 5.60
C LEU B 34 -5.57 -13.55 4.60
N ARG B 35 -5.21 -13.35 3.37
CA ARG B 35 -6.12 -13.50 2.26
C ARG B 35 -6.28 -14.97 1.87
N ALA B 36 -7.26 -15.29 1.06
CA ALA B 36 -7.57 -16.67 0.79
C ALA B 36 -6.40 -17.45 0.18
N ARG B 37 -5.65 -16.82 -0.68
CA ARG B 37 -4.51 -17.52 -1.29
C ARG B 37 -3.42 -17.89 -0.31
N ASP B 38 -3.14 -17.01 0.62
CA ASP B 38 -2.21 -17.29 1.71
C ASP B 38 -2.71 -18.35 2.66
N ALA B 39 -3.98 -18.31 2.96
CA ALA B 39 -4.59 -19.35 3.79
C ALA B 39 -4.43 -20.72 3.14
N ALA B 40 -4.75 -20.81 1.86
CA ALA B 40 -4.67 -22.06 1.12
C ALA B 40 -3.29 -22.70 1.23
N ALA B 41 -2.24 -21.92 0.97
CA ALA B 41 -0.88 -22.41 1.07
C ALA B 41 -0.63 -22.99 2.47
N LEU B 42 -1.06 -22.25 3.46
CA LEU B 42 -0.90 -22.65 4.84
C LEU B 42 -1.59 -23.96 5.11
N LEU B 43 -2.76 -24.15 4.55
CA LEU B 43 -3.56 -25.36 4.73
C LEU B 43 -3.23 -26.46 3.71
N GLN B 44 -2.22 -26.24 2.92
CA GLN B 44 -1.72 -27.17 1.91
C GLN B 44 -2.74 -27.60 0.86
N VAL B 45 -3.54 -26.69 0.39
CA VAL B 45 -4.52 -26.95 -0.67
C VAL B 45 -4.42 -25.81 -1.68
N SER B 46 -4.93 -26.02 -2.89
CA SER B 46 -5.02 -24.94 -3.86
C SER B 46 -6.06 -23.93 -3.40
N GLU B 47 -5.97 -22.70 -3.89
CA GLU B 47 -6.98 -21.69 -3.55
C GLU B 47 -8.35 -22.13 -4.06
N GLY B 48 -8.39 -22.74 -5.24
CA GLY B 48 -9.66 -23.26 -5.76
C GLY B 48 -10.36 -24.22 -4.82
N GLU B 49 -9.62 -25.15 -4.24
CA GLU B 49 -10.18 -26.11 -3.30
C GLU B 49 -10.73 -25.38 -2.08
N LEU B 50 -10.01 -24.38 -1.62
CA LEU B 50 -10.44 -23.64 -0.46
C LEU B 50 -11.75 -22.95 -0.74
N VAL B 51 -11.85 -22.27 -1.87
CA VAL B 51 -13.06 -21.62 -2.27
C VAL B 51 -14.19 -22.62 -2.43
N ALA B 52 -13.87 -23.79 -2.91
CA ALA B 52 -14.84 -24.80 -3.11
C ALA B 52 -15.52 -25.18 -1.76
N SER B 53 -14.76 -25.17 -0.70
CA SER B 53 -15.23 -25.57 0.62
C SER B 53 -16.29 -24.63 1.12
N ARG B 54 -16.40 -23.46 0.53
CA ARG B 54 -17.35 -22.50 0.87
C ARG B 54 -18.74 -22.75 0.25
N VAL B 55 -18.82 -23.64 -0.73
CA VAL B 55 -20.05 -23.90 -1.43
C VAL B 55 -21.11 -24.46 -0.48
N GLY B 56 -22.25 -23.84 -0.55
CA GLY B 56 -23.34 -24.16 0.31
C GLY B 56 -23.27 -23.42 1.64
N ILE B 57 -22.15 -22.73 1.86
CA ILE B 57 -21.98 -21.93 3.09
C ILE B 57 -22.08 -20.44 2.81
N ASP B 58 -21.12 -19.90 2.06
CA ASP B 58 -21.31 -18.60 1.47
C ASP B 58 -20.98 -18.51 -0.03
N ALA B 59 -20.80 -19.60 -0.70
CA ALA B 59 -20.53 -19.64 -2.10
C ALA B 59 -21.52 -20.50 -2.87
N VAL B 60 -21.70 -20.15 -4.12
CA VAL B 60 -22.52 -20.89 -5.07
C VAL B 60 -21.64 -21.22 -6.27
N ARG B 61 -21.51 -22.50 -6.59
CA ARG B 61 -20.79 -22.89 -7.77
C ARG B 61 -21.56 -22.54 -9.07
N LEU B 62 -20.89 -21.89 -10.00
CA LEU B 62 -21.53 -21.57 -11.27
C LEU B 62 -21.11 -22.55 -12.35
N ARG B 63 -21.88 -22.63 -13.41
CA ARG B 63 -21.49 -23.39 -14.57
C ARG B 63 -20.28 -22.70 -15.27
N PRO B 64 -19.33 -23.47 -15.71
CA PRO B 64 -18.21 -22.87 -16.43
C PRO B 64 -18.64 -22.67 -17.86
N ASP B 65 -19.62 -21.81 -18.04
CA ASP B 65 -20.15 -21.42 -19.32
C ASP B 65 -19.70 -20.00 -19.65
N TRP B 66 -18.52 -19.90 -20.22
CA TRP B 66 -17.87 -18.63 -20.40
C TRP B 66 -18.67 -17.73 -21.28
N ALA B 67 -19.17 -18.27 -22.40
CA ALA B 67 -19.98 -17.56 -23.38
C ALA B 67 -21.24 -16.94 -22.79
N ALA B 68 -21.89 -17.63 -21.85
CA ALA B 68 -23.01 -17.04 -21.09
C ALA B 68 -22.57 -16.22 -19.86
N LEU B 69 -21.57 -16.69 -19.15
CA LEU B 69 -21.16 -15.98 -17.94
C LEU B 69 -20.48 -14.63 -18.16
N LEU B 70 -19.49 -14.64 -19.01
CA LEU B 70 -18.71 -13.42 -19.20
C LEU B 70 -19.51 -12.19 -19.63
N PRO B 71 -20.36 -12.30 -20.63
CA PRO B 71 -21.20 -11.19 -21.03
C PRO B 71 -22.15 -10.74 -19.91
N ALA B 72 -22.62 -11.70 -19.16
CA ALA B 72 -23.60 -11.44 -18.11
C ALA B 72 -23.02 -10.56 -16.99
N LEU B 73 -21.71 -10.57 -16.82
CA LEU B 73 -21.09 -9.77 -15.78
C LEU B 73 -21.30 -8.33 -16.02
N GLY B 74 -21.57 -8.00 -17.26
CA GLY B 74 -21.82 -6.61 -17.64
C GLY B 74 -23.03 -5.98 -16.97
N GLU B 75 -23.95 -6.78 -16.47
CA GLU B 75 -25.11 -6.25 -15.76
C GLU B 75 -24.79 -5.71 -14.35
N LEU B 76 -23.63 -6.00 -13.81
CA LEU B 76 -23.28 -5.62 -12.46
C LEU B 76 -22.84 -4.20 -12.40
N GLY B 77 -22.69 -3.57 -13.55
CA GLY B 77 -22.17 -2.21 -13.63
C GLY B 77 -20.70 -2.23 -13.25
N PRO B 78 -20.19 -1.12 -12.76
CA PRO B 78 -18.77 -1.01 -12.50
C PRO B 78 -18.37 -2.03 -11.50
N ILE B 79 -17.25 -2.67 -11.74
CA ILE B 79 -16.77 -3.69 -10.88
C ILE B 79 -15.25 -3.51 -10.65
N MET B 80 -14.61 -4.39 -9.95
CA MET B 80 -13.19 -4.39 -9.90
C MET B 80 -12.71 -5.71 -10.41
N ALA B 81 -11.79 -5.71 -11.36
CA ALA B 81 -11.25 -6.95 -11.86
C ALA B 81 -9.85 -7.18 -11.33
N LEU B 82 -9.59 -8.36 -10.87
CA LEU B 82 -8.36 -8.70 -10.27
C LEU B 82 -7.73 -9.85 -11.06
N THR B 83 -6.55 -9.61 -11.61
CA THR B 83 -5.74 -10.64 -12.23
C THR B 83 -4.32 -10.50 -11.70
N ARG B 84 -3.67 -11.57 -11.41
CA ARG B 84 -2.31 -11.58 -10.88
C ARG B 84 -1.48 -12.75 -11.31
N ASN B 85 -0.18 -12.61 -11.07
CA ASN B 85 0.72 -13.75 -11.02
C ASN B 85 1.34 -13.74 -9.63
N GLU B 86 2.37 -14.49 -9.41
CA GLU B 86 2.95 -14.63 -8.09
C GLU B 86 3.44 -13.27 -7.55
N HIS B 87 4.02 -12.48 -8.42
CA HIS B 87 4.70 -11.28 -7.95
C HIS B 87 4.05 -9.95 -8.28
N CYS B 88 3.01 -9.93 -9.10
CA CYS B 88 2.30 -8.72 -9.41
C CYS B 88 0.78 -8.92 -9.41
N VAL B 89 0.09 -8.00 -8.78
CA VAL B 89 -1.34 -7.96 -8.85
C VAL B 89 -1.89 -6.67 -9.46
N HIS B 90 -2.90 -6.85 -10.29
CA HIS B 90 -3.42 -5.77 -11.12
C HIS B 90 -4.91 -5.71 -10.80
N GLU B 91 -5.36 -4.59 -10.31
CA GLU B 91 -6.73 -4.36 -10.00
C GLU B 91 -7.23 -3.15 -10.75
N ARG B 92 -8.17 -3.37 -11.65
CA ARG B 92 -8.69 -2.29 -12.49
C ARG B 92 -10.20 -2.13 -12.37
N LYS B 93 -10.71 -0.93 -12.17
CA LYS B 93 -12.16 -0.69 -12.04
C LYS B 93 -12.83 -0.23 -13.32
N GLY B 94 -14.07 -0.65 -13.48
CA GLY B 94 -14.86 -0.29 -14.64
C GLY B 94 -15.93 -1.32 -14.93
N PRO B 95 -16.77 -1.04 -15.91
CA PRO B 95 -17.83 -1.96 -16.34
C PRO B 95 -17.31 -3.13 -17.12
N TYR B 96 -17.83 -4.31 -16.85
CA TYR B 96 -17.31 -5.48 -17.55
C TYR B 96 -17.89 -5.55 -18.97
N ARG B 97 -17.33 -4.75 -19.87
CA ARG B 97 -17.69 -4.73 -21.26
C ARG B 97 -16.57 -4.05 -22.07
N GLU B 98 -16.48 -4.33 -23.35
CA GLU B 98 -17.42 -5.15 -24.10
C GLU B 98 -16.83 -6.50 -24.27
N VAL B 99 -17.53 -7.52 -23.82
CA VAL B 99 -17.08 -8.91 -23.89
C VAL B 99 -17.33 -9.51 -25.28
N THR B 100 -16.38 -10.24 -25.79
CA THR B 100 -16.60 -11.10 -26.88
C THR B 100 -16.01 -12.45 -26.58
N VAL B 101 -16.79 -13.53 -26.76
CA VAL B 101 -16.31 -14.90 -26.59
C VAL B 101 -16.38 -15.61 -27.95
N SER B 102 -15.31 -16.29 -28.36
CA SER B 102 -15.25 -16.93 -29.66
C SER B 102 -16.18 -18.13 -29.81
N ALA B 103 -16.54 -18.51 -31.01
CA ALA B 103 -17.54 -19.54 -31.19
C ALA B 103 -17.13 -20.84 -30.55
N ASN B 104 -15.87 -21.16 -30.63
CA ASN B 104 -15.38 -22.37 -30.02
C ASN B 104 -15.32 -22.29 -28.48
N GLY B 105 -15.57 -21.11 -27.93
CA GLY B 105 -15.48 -20.91 -26.51
C GLY B 105 -14.10 -20.97 -25.91
N GLN B 106 -13.09 -20.90 -26.75
CA GLN B 106 -11.73 -21.00 -26.31
C GLN B 106 -10.96 -19.67 -26.14
N MET B 107 -11.51 -18.61 -26.65
CA MET B 107 -10.90 -17.29 -26.47
C MET B 107 -11.95 -16.29 -26.08
N GLY B 108 -11.59 -15.34 -25.23
CA GLY B 108 -12.46 -14.25 -24.83
C GLY B 108 -11.68 -12.94 -24.80
N LEU B 109 -12.36 -11.84 -24.96
CA LEU B 109 -11.80 -10.55 -24.82
C LEU B 109 -12.77 -9.61 -24.16
N VAL B 110 -12.23 -8.67 -23.42
CA VAL B 110 -12.98 -7.56 -22.98
C VAL B 110 -12.23 -6.32 -23.40
N VAL B 111 -12.93 -5.47 -24.08
CA VAL B 111 -12.26 -4.32 -24.72
C VAL B 111 -12.99 -3.04 -24.32
N SER B 112 -12.25 -2.11 -23.74
CA SER B 112 -12.83 -0.85 -23.27
C SER B 112 -11.68 0.02 -22.80
N PRO B 113 -11.98 1.26 -22.48
CA PRO B 113 -10.99 2.15 -21.88
C PRO B 113 -10.58 1.67 -20.48
N ASP B 114 -11.41 0.90 -19.82
CA ASP B 114 -11.10 0.48 -18.47
C ASP B 114 -10.81 -0.99 -18.33
N ILE B 115 -11.83 -1.81 -18.35
CA ILE B 115 -11.59 -3.22 -18.25
C ILE B 115 -11.13 -3.67 -19.61
N ASP B 116 -9.99 -4.27 -19.68
CA ASP B 116 -9.37 -4.64 -20.94
C ASP B 116 -8.64 -5.93 -20.66
N LEU B 117 -9.07 -7.03 -21.22
CA LEU B 117 -8.62 -8.33 -20.82
C LEU B 117 -8.45 -9.25 -22.01
N ARG B 118 -7.45 -10.08 -21.99
CA ARG B 118 -7.30 -11.18 -22.91
C ARG B 118 -7.45 -12.48 -22.16
N LEU B 119 -8.50 -13.23 -22.49
CA LEU B 119 -8.88 -14.44 -21.76
C LEU B 119 -8.58 -15.69 -22.59
N PHE B 120 -7.74 -16.56 -22.06
CA PHE B 120 -7.43 -17.82 -22.75
C PHE B 120 -8.17 -18.93 -22.02
N LEU B 121 -9.36 -19.24 -22.52
CA LEU B 121 -10.40 -19.92 -21.75
C LEU B 121 -10.18 -21.39 -21.55
N GLY B 122 -9.21 -21.93 -22.27
CA GLY B 122 -8.98 -23.37 -22.31
C GLY B 122 -8.68 -23.99 -20.96
N GLY B 123 -7.84 -23.32 -20.16
CA GLY B 123 -7.44 -23.84 -18.87
C GLY B 123 -8.37 -23.42 -17.74
N TRP B 124 -9.41 -22.65 -18.07
CA TRP B 124 -10.37 -22.21 -17.06
C TRP B 124 -11.19 -23.40 -16.62
N ASN B 125 -11.15 -23.67 -15.34
CA ASN B 125 -11.73 -24.89 -14.77
C ASN B 125 -13.01 -24.72 -13.96
N ALA B 126 -13.01 -23.85 -12.96
CA ALA B 126 -14.18 -23.65 -12.16
C ALA B 126 -14.44 -22.22 -11.77
N VAL B 127 -15.70 -21.92 -11.49
CA VAL B 127 -16.13 -20.59 -11.18
C VAL B 127 -17.12 -20.58 -10.02
N PHE B 128 -16.99 -19.61 -9.13
CA PHE B 128 -17.82 -19.52 -7.93
C PHE B 128 -18.30 -18.11 -7.68
N ALA B 129 -19.53 -17.96 -7.19
CA ALA B 129 -19.98 -16.68 -6.71
C ALA B 129 -20.00 -16.65 -5.21
N ILE B 130 -19.18 -15.80 -4.63
CA ILE B 130 -19.07 -15.75 -3.19
C ILE B 130 -19.80 -14.52 -2.68
N ALA B 131 -20.57 -14.69 -1.63
CA ALA B 131 -21.18 -13.56 -0.96
C ALA B 131 -20.86 -13.61 0.53
N GLU B 132 -19.77 -12.97 0.90
CA GLU B 132 -19.13 -13.04 2.19
C GLU B 132 -19.60 -11.94 3.17
N GLU B 133 -19.89 -12.30 4.41
CA GLU B 133 -20.43 -11.30 5.36
C GLU B 133 -19.53 -10.08 5.72
N THR B 134 -18.30 -10.30 6.11
CA THR B 134 -17.46 -9.07 6.31
C THR B 134 -17.96 -8.12 7.38
N ALA B 135 -17.17 -7.07 7.62
CA ALA B 135 -17.42 -6.04 8.64
C ALA B 135 -18.20 -4.79 8.19
N ARG B 136 -19.53 -4.79 8.30
CA ARG B 136 -20.30 -5.99 8.58
C ARG B 136 -21.37 -6.16 7.47
N GLY B 137 -21.06 -5.76 6.24
CA GLY B 137 -22.02 -5.81 5.16
C GLY B 137 -21.83 -7.13 4.48
N THR B 138 -21.71 -7.14 3.16
CA THR B 138 -21.50 -8.37 2.40
C THR B 138 -20.60 -8.11 1.17
N GLN B 139 -19.65 -8.98 0.90
CA GLN B 139 -18.75 -8.78 -0.21
C GLN B 139 -19.03 -9.82 -1.29
N ARG B 140 -19.39 -9.37 -2.46
CA ARG B 140 -19.72 -10.25 -3.57
C ARG B 140 -18.61 -10.31 -4.64
N SER B 141 -18.27 -11.52 -5.04
CA SER B 141 -17.27 -11.68 -6.10
C SER B 141 -17.50 -12.96 -6.90
N ILE B 142 -17.02 -12.98 -8.12
CA ILE B 142 -16.97 -14.15 -8.95
C ILE B 142 -15.50 -14.51 -9.19
N GLN B 143 -15.20 -15.75 -8.92
CA GLN B 143 -13.80 -16.20 -8.89
C GLN B 143 -13.57 -17.44 -9.73
N VAL B 144 -12.60 -17.37 -10.63
CA VAL B 144 -12.31 -18.47 -11.57
C VAL B 144 -10.96 -19.11 -11.24
N PHE B 145 -10.91 -20.42 -11.27
CA PHE B 145 -9.72 -21.17 -11.01
C PHE B 145 -9.36 -22.14 -12.15
N ASP B 146 -8.07 -22.42 -12.30
CA ASP B 146 -7.59 -23.28 -13.37
C ASP B 146 -7.51 -24.75 -13.03
N GLN B 147 -6.86 -25.54 -13.85
CA GLN B 147 -6.83 -26.95 -13.67
C GLN B 147 -6.03 -27.40 -12.46
N GLN B 148 -5.16 -26.56 -11.97
CA GLN B 148 -4.45 -26.84 -10.76
C GLN B 148 -5.08 -26.17 -9.50
N GLY B 149 -6.23 -25.57 -9.63
CA GLY B 149 -6.88 -24.82 -8.57
C GLY B 149 -6.33 -23.42 -8.30
N VAL B 150 -5.40 -22.99 -9.16
CA VAL B 150 -4.82 -21.66 -9.06
C VAL B 150 -5.76 -20.58 -9.58
N ALA B 151 -5.85 -19.45 -8.86
CA ALA B 151 -6.66 -18.33 -9.35
C ALA B 151 -6.30 -17.95 -10.78
N VAL B 152 -7.33 -17.71 -11.59
CA VAL B 152 -7.16 -17.23 -12.95
C VAL B 152 -7.53 -15.74 -12.98
N HIS B 153 -8.69 -15.42 -12.43
CA HIS B 153 -9.29 -14.10 -12.62
C HIS B 153 -10.43 -13.98 -11.61
N LYS B 154 -10.62 -12.80 -11.08
CA LYS B 154 -11.67 -12.56 -10.12
C LYS B 154 -12.37 -11.28 -10.46
N VAL B 155 -13.68 -11.23 -10.32
CA VAL B 155 -14.34 -9.91 -10.34
C VAL B 155 -15.17 -9.64 -9.11
N PHE B 156 -14.92 -8.47 -8.50
CA PHE B 156 -15.54 -8.07 -7.25
C PHE B 156 -16.51 -6.95 -7.52
N LEU B 157 -17.72 -7.03 -6.96
CA LEU B 157 -18.56 -5.86 -6.91
C LEU B 157 -17.96 -4.88 -5.94
N ALA B 158 -18.07 -3.61 -6.21
CA ALA B 158 -17.63 -2.58 -5.28
C ALA B 158 -18.63 -1.47 -5.04
N GLU B 159 -18.14 -0.28 -4.80
CA GLU B 159 -18.97 0.79 -4.29
C GLU B 159 -20.07 1.18 -5.23
N ALA B 160 -19.83 1.04 -6.52
CA ALA B 160 -20.75 1.50 -7.53
C ALA B 160 -21.54 0.45 -8.28
N SER B 161 -21.45 -0.79 -7.86
CA SER B 161 -22.09 -1.90 -8.58
C SER B 161 -23.61 -1.95 -8.42
N ASP B 162 -24.26 -2.67 -9.32
CA ASP B 162 -25.70 -2.97 -9.28
C ASP B 162 -25.95 -4.28 -8.59
N VAL B 163 -26.10 -4.22 -7.28
CA VAL B 163 -26.26 -5.36 -6.45
C VAL B 163 -27.51 -6.14 -6.80
N ARG B 164 -28.51 -5.44 -7.30
CA ARG B 164 -29.83 -6.00 -7.60
C ARG B 164 -29.60 -7.06 -8.63
N ALA B 165 -28.62 -6.86 -9.48
CA ALA B 165 -28.34 -7.76 -10.59
C ALA B 165 -27.64 -9.00 -10.17
N TRP B 166 -27.19 -9.01 -8.93
CA TRP B 166 -26.39 -10.11 -8.48
C TRP B 166 -27.08 -11.44 -8.33
N GLU B 167 -28.20 -11.40 -7.59
CA GLU B 167 -29.01 -12.60 -7.33
C GLU B 167 -29.61 -13.23 -8.58
N PRO B 168 -30.13 -12.45 -9.49
CA PRO B 168 -30.61 -13.03 -10.76
C PRO B 168 -29.51 -13.65 -11.58
N LEU B 169 -28.34 -13.03 -11.64
CA LEU B 169 -27.21 -13.65 -12.38
C LEU B 169 -26.75 -14.96 -11.80
N VAL B 170 -26.62 -14.99 -10.49
CA VAL B 170 -26.22 -16.19 -9.80
C VAL B 170 -27.24 -17.28 -10.03
N GLU B 171 -28.51 -16.91 -9.98
CA GLU B 171 -29.56 -17.85 -10.17
C GLU B 171 -29.51 -18.45 -11.55
N ARG B 172 -29.33 -17.60 -12.52
CA ARG B 172 -29.23 -18.08 -13.89
C ARG B 172 -28.03 -18.99 -14.15
N LEU B 173 -26.86 -18.62 -13.65
CA LEU B 173 -25.63 -19.37 -13.92
C LEU B 173 -25.31 -20.56 -13.03
N ARG B 174 -26.03 -20.71 -11.94
CA ARG B 174 -25.68 -21.70 -10.94
C ARG B 174 -25.65 -23.09 -11.48
N ALA B 175 -24.71 -23.89 -11.00
CA ALA B 175 -24.59 -25.27 -11.44
C ALA B 175 -25.69 -26.11 -10.77
N ALA B 176 -26.05 -27.22 -11.41
CA ALA B 176 -27.00 -28.18 -10.85
C ALA B 176 -26.41 -28.84 -9.65
N GLU B 177 -25.19 -29.33 -9.77
CA GLU B 177 -24.52 -29.91 -8.67
C GLU B 177 -23.71 -28.83 -7.94
N GLN B 178 -24.17 -28.53 -6.76
CA GLN B 178 -23.44 -27.64 -5.90
C GLN B 178 -22.33 -28.43 -5.22
N ASP B 179 -21.33 -28.77 -5.97
CA ASP B 179 -20.25 -29.64 -5.60
C ASP B 179 -19.11 -28.85 -4.94
N ALA B 180 -18.64 -29.32 -3.81
CA ALA B 180 -17.60 -28.64 -3.04
C ALA B 180 -16.22 -29.22 -3.14
N VAL B 181 -15.98 -30.15 -4.04
CA VAL B 181 -14.67 -30.73 -4.14
C VAL B 181 -13.69 -30.18 -5.18
N LEU B 182 -14.13 -29.84 -6.37
CA LEU B 182 -13.21 -29.35 -7.43
C LEU B 182 -12.13 -30.29 -7.92
N ALA B 183 -12.33 -30.87 -9.11
CA ALA B 183 -11.31 -31.74 -9.68
C ALA B 183 -10.10 -30.98 -10.21
N LEU B 184 -8.93 -31.43 -9.88
CA LEU B 184 -7.70 -30.93 -10.44
C LEU B 184 -7.11 -31.87 -11.47
N HIS B 185 -6.31 -31.35 -12.38
CA HIS B 185 -5.62 -32.15 -13.36
C HIS B 185 -4.12 -31.84 -13.29
N GLU B 186 -3.27 -32.76 -13.68
CA GLU B 186 -1.86 -32.49 -13.73
C GLU B 186 -1.57 -31.46 -14.82
N PRO B 187 -0.56 -30.65 -14.59
CA PRO B 187 -0.17 -29.60 -15.52
C PRO B 187 0.43 -30.13 -16.84
N ARG B 188 0.29 -29.41 -17.94
CA ARG B 188 0.89 -29.76 -19.21
C ARG B 188 2.42 -29.94 -19.02
N ALA B 189 3.00 -30.93 -19.64
CA ALA B 189 4.41 -31.17 -19.50
C ALA B 189 5.26 -30.00 -20.00
N PRO B 190 6.32 -29.68 -19.30
CA PRO B 190 7.16 -28.54 -19.69
C PRO B 190 7.81 -28.75 -21.03
N ALA B 191 7.83 -27.75 -21.87
CA ALA B 191 8.48 -27.85 -23.18
C ALA B 191 10.00 -28.02 -23.09
N ALA B 192 10.58 -28.74 -24.04
CA ALA B 192 12.02 -28.95 -24.04
C ALA B 192 12.79 -27.67 -24.25
N ALA B 193 13.96 -27.55 -23.66
CA ALA B 193 14.70 -26.32 -23.60
C ALA B 193 16.09 -26.36 -24.22
N LEU B 194 16.37 -25.47 -25.13
CA LEU B 194 17.67 -25.39 -25.77
C LEU B 194 18.52 -24.35 -25.09
N VAL B 195 19.83 -24.56 -25.08
CA VAL B 195 20.73 -23.56 -24.59
C VAL B 195 21.08 -22.50 -25.65
N ASP B 196 21.65 -21.40 -25.21
CA ASP B 196 21.84 -20.27 -26.09
C ASP B 196 22.64 -20.73 -27.35
N ALA B 197 23.63 -21.54 -27.13
CA ALA B 197 24.51 -21.97 -28.18
C ALA B 197 23.77 -22.70 -29.30
N GLN B 198 22.68 -23.37 -28.96
CA GLN B 198 21.87 -24.14 -29.88
C GLN B 198 20.99 -23.34 -30.78
N ILE B 199 20.71 -22.13 -30.39
CA ILE B 199 19.87 -21.30 -31.19
C ILE B 199 20.64 -20.62 -32.35
N ASP B 200 20.01 -20.44 -33.49
CA ASP B 200 20.64 -19.75 -34.59
C ASP B 200 20.36 -18.26 -34.36
N ALA B 201 21.31 -17.59 -33.73
CA ALA B 201 21.15 -16.17 -33.39
C ALA B 201 21.02 -15.28 -34.62
N ALA B 202 21.77 -15.58 -35.68
CA ALA B 202 21.68 -14.76 -36.89
C ALA B 202 20.26 -14.84 -37.47
N ALA B 203 19.70 -16.06 -37.53
CA ALA B 203 18.36 -16.25 -38.06
C ALA B 203 17.31 -15.58 -37.18
N LEU B 204 17.47 -15.66 -35.86
CA LEU B 204 16.52 -15.09 -34.94
C LEU B 204 16.53 -13.59 -35.12
N ARG B 205 17.72 -13.04 -35.24
CA ARG B 205 17.87 -11.61 -35.41
C ARG B 205 17.19 -11.15 -36.74
N GLU B 206 17.33 -11.94 -37.78
CA GLU B 206 16.65 -11.66 -39.01
C GLU B 206 15.11 -11.68 -38.84
N GLY B 207 14.62 -12.66 -38.14
CA GLY B 207 13.19 -12.76 -37.92
C GLY B 207 12.69 -11.61 -37.07
N TRP B 208 13.50 -11.20 -36.09
CA TRP B 208 13.11 -10.08 -35.22
C TRP B 208 12.99 -8.81 -36.06
N ALA B 209 13.95 -8.58 -36.96
CA ALA B 209 13.93 -7.37 -37.78
C ALA B 209 12.71 -7.38 -38.69
N ALA B 210 12.21 -8.58 -39.01
CA ALA B 210 11.08 -8.70 -39.93
C ALA B 210 9.72 -8.77 -39.24
N LEU B 211 9.67 -8.59 -37.94
CA LEU B 211 8.43 -8.62 -37.24
C LEU B 211 7.49 -7.56 -37.73
N LYS B 212 6.25 -7.94 -37.90
CA LYS B 212 5.28 -6.99 -38.37
C LYS B 212 4.29 -6.55 -37.31
N ASP B 213 4.06 -7.41 -36.33
CA ASP B 213 3.18 -7.09 -35.24
C ASP B 213 3.78 -7.59 -33.93
N THR B 214 3.61 -6.79 -32.90
CA THR B 214 4.09 -7.26 -31.61
C THR B 214 3.39 -8.57 -31.25
N HIS B 215 2.27 -8.79 -31.89
CA HIS B 215 1.48 -10.00 -31.78
C HIS B 215 2.13 -11.25 -32.32
N HIS B 216 3.01 -11.14 -33.31
CA HIS B 216 3.75 -12.28 -33.92
C HIS B 216 5.09 -12.56 -33.20
N PHE B 217 5.34 -11.83 -32.14
CA PHE B 217 6.58 -12.04 -31.45
C PHE B 217 6.62 -13.48 -30.96
N HIS B 218 5.49 -13.99 -30.53
CA HIS B 218 5.35 -15.33 -29.94
C HIS B 218 5.70 -16.41 -30.94
N ALA B 219 5.35 -16.22 -32.17
CA ALA B 219 5.67 -17.17 -33.19
C ALA B 219 7.14 -17.26 -33.43
N LEU B 220 7.82 -16.12 -33.32
CA LEU B 220 9.26 -16.08 -33.51
C LEU B 220 9.95 -16.93 -32.45
N LEU B 221 9.51 -16.85 -31.21
CA LEU B 221 10.05 -17.66 -30.11
C LEU B 221 9.92 -19.16 -30.39
N LYS B 222 8.76 -19.59 -30.80
CA LYS B 222 8.42 -20.98 -31.12
C LYS B 222 9.25 -21.48 -32.29
N LYS B 223 9.52 -20.62 -33.22
CA LYS B 223 10.24 -20.96 -34.39
C LYS B 223 11.61 -21.50 -34.00
N HIS B 224 12.27 -20.80 -33.11
CA HIS B 224 13.64 -21.15 -32.77
C HIS B 224 13.72 -22.02 -31.53
N GLY B 225 12.57 -22.31 -30.94
CA GLY B 225 12.53 -23.04 -29.68
C GLY B 225 13.15 -22.21 -28.56
N ALA B 226 13.11 -20.89 -28.69
CA ALA B 226 13.73 -20.00 -27.70
C ALA B 226 12.80 -19.58 -26.57
N GLN B 227 13.28 -19.62 -25.35
CA GLN B 227 12.62 -19.02 -24.22
C GLN B 227 12.58 -17.51 -24.40
N ARG B 228 11.68 -16.80 -23.72
CA ARG B 228 11.58 -15.38 -23.97
C ARG B 228 12.84 -14.62 -23.60
N THR B 229 13.36 -14.87 -22.42
CA THR B 229 14.53 -14.19 -21.98
C THR B 229 15.74 -14.57 -22.84
N GLN B 230 15.76 -15.81 -23.27
CA GLN B 230 16.81 -16.33 -24.13
C GLN B 230 16.87 -15.55 -25.46
N ALA B 231 15.72 -15.27 -26.01
CA ALA B 231 15.66 -14.51 -27.26
C ALA B 231 16.12 -13.08 -27.04
N LEU B 232 15.78 -12.50 -25.89
CA LEU B 232 16.27 -11.15 -25.57
C LEU B 232 17.80 -11.07 -25.50
N ARG B 233 18.42 -12.07 -24.92
CA ARG B 233 19.85 -12.13 -24.79
C ARG B 233 20.49 -12.18 -26.17
N LEU B 234 19.90 -13.01 -27.03
CA LEU B 234 20.41 -13.29 -28.37
C LEU B 234 20.07 -12.22 -29.40
N ALA B 235 19.07 -11.39 -29.12
CA ALA B 235 18.63 -10.39 -30.10
C ALA B 235 19.66 -9.30 -30.34
N GLY B 236 20.50 -9.05 -29.34
CA GLY B 236 21.47 -7.98 -29.43
C GLY B 236 20.95 -6.67 -28.86
N GLY B 237 21.88 -5.82 -28.46
CA GLY B 237 21.55 -4.58 -27.78
C GLY B 237 20.74 -3.61 -28.60
N GLU B 238 20.85 -3.67 -29.91
CA GLU B 238 20.04 -2.84 -30.72
C GLU B 238 18.53 -3.14 -30.48
N TRP B 239 18.21 -4.37 -30.13
CA TRP B 239 16.83 -4.83 -29.97
C TRP B 239 16.38 -4.99 -28.51
N ALA B 240 17.30 -5.38 -27.64
CA ALA B 240 16.97 -5.65 -26.24
C ALA B 240 18.16 -5.41 -25.34
N GLU B 241 17.97 -4.67 -24.26
CA GLU B 241 19.03 -4.49 -23.30
C GLU B 241 18.53 -4.73 -21.86
N ARG B 242 19.33 -5.35 -21.09
CA ARG B 242 19.03 -5.54 -19.74
C ARG B 242 19.17 -4.20 -18.96
N LEU B 243 18.35 -4.02 -17.94
CA LEU B 243 18.37 -2.84 -17.12
C LEU B 243 18.54 -3.22 -15.65
N ASP B 244 18.97 -2.31 -14.82
CA ASP B 244 18.97 -2.54 -13.38
C ASP B 244 17.53 -2.77 -12.91
N ASN B 245 17.29 -3.77 -12.10
CA ASN B 245 15.96 -4.18 -11.68
C ASN B 245 15.22 -3.03 -11.00
N GLY B 246 15.94 -2.14 -10.36
CA GLY B 246 15.34 -1.03 -9.62
C GLY B 246 14.84 0.11 -10.49
N ASP B 247 15.22 0.12 -11.77
CA ASP B 247 14.75 1.14 -12.72
C ASP B 247 13.22 1.13 -12.96
N LEU B 248 12.59 -0.02 -12.73
CA LEU B 248 11.16 -0.11 -13.03
C LEU B 248 10.36 0.82 -12.14
N ALA B 249 10.65 0.75 -10.85
CA ALA B 249 10.00 1.64 -9.90
C ALA B 249 10.30 3.11 -10.25
N LYS B 250 11.50 3.41 -10.68
CA LYS B 250 11.86 4.76 -11.08
C LYS B 250 11.11 5.26 -12.29
N LEU B 251 10.91 4.37 -13.23
CA LEU B 251 10.16 4.73 -14.40
C LEU B 251 8.69 5.08 -14.09
N PHE B 252 8.04 4.29 -13.23
CA PHE B 252 6.70 4.62 -12.73
C PHE B 252 6.72 6.00 -12.06
N GLU B 253 7.74 6.27 -11.25
CA GLU B 253 7.90 7.58 -10.58
C GLU B 253 8.03 8.69 -11.59
N ALA B 254 8.83 8.50 -12.62
CA ALA B 254 8.94 9.52 -13.65
C ALA B 254 7.62 9.69 -14.37
N ALA B 255 6.91 8.59 -14.62
CA ALA B 255 5.64 8.65 -15.35
C ALA B 255 4.60 9.43 -14.55
N ALA B 256 4.60 9.20 -13.25
CA ALA B 256 3.67 9.90 -12.37
C ALA B 256 3.99 11.40 -12.36
N GLU B 257 5.24 11.75 -12.33
CA GLU B 257 5.68 13.14 -12.38
C GLU B 257 5.24 13.83 -13.64
N SER B 258 5.25 13.15 -14.77
CA SER B 258 4.97 13.79 -16.05
C SER B 258 3.51 13.72 -16.49
N GLY B 259 2.77 12.73 -15.97
CA GLY B 259 1.38 12.54 -16.35
C GLY B 259 1.22 11.71 -17.62
N LEU B 260 2.30 11.14 -18.08
CA LEU B 260 2.34 10.40 -19.30
C LEU B 260 1.41 9.17 -19.26
N PRO B 261 0.60 9.01 -20.28
CA PRO B 261 -0.23 7.83 -20.32
C PRO B 261 0.55 6.55 -20.71
N ILE B 262 0.41 5.50 -19.93
CA ILE B 262 1.15 4.28 -20.14
C ILE B 262 0.22 3.03 -20.26
N MET B 263 0.78 1.89 -20.52
CA MET B 263 0.02 0.70 -20.50
C MET B 263 0.74 -0.29 -19.63
N VAL B 264 0.02 -0.95 -18.75
CA VAL B 264 0.59 -1.92 -17.84
C VAL B 264 -0.10 -3.30 -18.02
N PHE B 265 0.66 -4.31 -18.34
CA PHE B 265 0.14 -5.61 -18.65
C PHE B 265 0.56 -6.57 -17.52
N VAL B 266 -0.42 -7.21 -16.91
CA VAL B 266 -0.12 -8.23 -15.92
C VAL B 266 -0.94 -9.46 -16.22
N GLY B 267 -0.31 -10.61 -16.35
CA GLY B 267 -1.08 -11.82 -16.58
C GLY B 267 -0.50 -13.10 -16.04
N ASN B 268 -1.28 -14.16 -16.16
CA ASN B 268 -0.81 -15.50 -15.91
C ASN B 268 -1.08 -16.32 -17.19
N ALA B 269 -0.92 -17.63 -17.14
CA ALA B 269 -1.12 -18.45 -18.35
C ALA B 269 -2.51 -18.34 -18.99
N HIS B 270 -3.50 -17.90 -18.22
CA HIS B 270 -4.90 -17.99 -18.64
C HIS B 270 -5.60 -16.66 -18.85
N CYS B 271 -5.00 -15.57 -18.39
CA CYS B 271 -5.61 -14.27 -18.43
C CYS B 271 -4.55 -13.19 -18.41
N ILE B 272 -4.70 -12.19 -19.28
CA ILE B 272 -3.92 -10.95 -19.22
C ILE B 272 -4.85 -9.77 -19.00
N GLN B 273 -4.50 -8.91 -18.07
CA GLN B 273 -5.25 -7.73 -17.75
C GLN B 273 -4.42 -6.48 -18.01
N ILE B 274 -5.04 -5.49 -18.61
CA ILE B 274 -4.30 -4.32 -19.09
C ILE B 274 -4.90 -3.05 -18.50
N HIS B 275 -4.02 -2.15 -18.06
CA HIS B 275 -4.43 -0.79 -17.71
C HIS B 275 -3.87 0.16 -18.73
N THR B 276 -4.71 1.05 -19.26
CA THR B 276 -4.22 2.15 -20.09
C THR B 276 -4.52 3.48 -19.44
N GLY B 277 -3.47 4.23 -19.11
CA GLY B 277 -3.64 5.57 -18.60
C GLY B 277 -2.46 6.03 -17.79
N PRO B 278 -2.54 7.24 -17.29
CA PRO B 278 -1.51 7.74 -16.38
C PRO B 278 -1.51 7.03 -15.00
N VAL B 279 -0.41 7.11 -14.30
CA VAL B 279 -0.38 6.64 -12.91
C VAL B 279 -0.08 7.86 -12.06
N CYS B 280 -0.63 7.94 -10.85
CA CYS B 280 -0.42 9.11 -9.96
C CYS B 280 0.22 8.85 -8.62
N ASN B 281 -0.45 8.01 -7.86
CA ASN B 281 -0.08 7.77 -6.47
C ASN B 281 0.77 6.52 -6.31
N LEU B 282 2.03 6.71 -5.94
CA LEU B 282 3.00 5.64 -5.86
C LEU B 282 3.45 5.47 -4.41
N LYS B 283 3.58 4.26 -3.93
CA LYS B 283 4.01 4.06 -2.58
C LYS B 283 4.73 2.76 -2.37
N TRP B 284 5.85 2.82 -1.65
CA TRP B 284 6.53 1.64 -1.11
C TRP B 284 5.89 1.15 0.19
N LEU B 285 5.70 -0.16 0.30
CA LEU B 285 5.29 -0.82 1.54
C LEU B 285 6.09 -2.13 1.64
N ASP B 286 7.08 -2.14 2.50
CA ASP B 286 7.97 -3.26 2.55
C ASP B 286 8.52 -3.51 1.09
N ASP B 287 8.53 -4.74 0.65
CA ASP B 287 9.07 -5.07 -0.68
C ASP B 287 8.12 -4.76 -1.84
N TRP B 288 6.90 -4.38 -1.51
CA TRP B 288 5.89 -4.04 -2.52
C TRP B 288 6.09 -2.62 -2.99
N PHE B 289 6.15 -2.44 -4.32
CA PHE B 289 6.01 -1.13 -4.89
C PHE B 289 4.61 -1.01 -5.44
N ASN B 290 3.94 0.11 -5.16
CA ASN B 290 2.49 0.18 -5.44
C ASN B 290 2.03 1.38 -6.22
N VAL B 291 1.07 1.14 -7.10
CA VAL B 291 0.27 2.23 -7.68
C VAL B 291 -1.07 2.18 -6.96
N LEU B 292 -1.50 3.30 -6.43
CA LEU B 292 -2.68 3.37 -5.63
C LEU B 292 -3.60 4.48 -6.03
N ASP B 293 -4.22 4.31 -7.17
CA ASP B 293 -5.05 5.33 -7.77
C ASP B 293 -6.51 4.92 -7.66
N PRO B 294 -7.40 5.84 -7.88
CA PRO B 294 -8.80 5.60 -7.62
C PRO B 294 -9.29 4.41 -8.42
N GLU B 295 -8.98 4.31 -9.71
CA GLU B 295 -9.47 3.21 -10.53
C GLU B 295 -8.45 2.13 -10.88
N PHE B 296 -7.26 2.28 -10.36
CA PHE B 296 -6.18 1.34 -10.68
C PHE B 296 -5.26 1.13 -9.48
N ASN B 297 -5.17 -0.12 -9.05
CA ASN B 297 -4.21 -0.51 -8.02
C ASN B 297 -3.25 -1.54 -8.60
N LEU B 298 -1.96 -1.34 -8.37
CA LEU B 298 -0.93 -2.27 -8.83
C LEU B 298 -0.02 -2.59 -7.67
N HIS B 299 0.16 -3.86 -7.37
CA HIS B 299 1.08 -4.27 -6.35
C HIS B 299 2.16 -5.15 -6.93
N LEU B 300 3.40 -4.69 -6.83
CA LEU B 300 4.52 -5.37 -7.47
C LEU B 300 5.57 -5.75 -6.45
N LYS B 301 5.87 -7.02 -6.30
CA LYS B 301 6.89 -7.50 -5.37
C LYS B 301 8.25 -7.42 -6.08
N THR B 302 8.89 -6.29 -5.87
CA THR B 302 10.10 -5.97 -6.63
C THR B 302 11.20 -6.98 -6.44
N THR B 303 11.20 -7.62 -5.27
CA THR B 303 12.23 -8.63 -4.97
C THR B 303 11.98 -9.92 -5.76
N GLY B 304 10.81 -10.03 -6.38
CA GLY B 304 10.48 -11.19 -7.20
C GLY B 304 11.01 -11.00 -8.61
N ILE B 305 11.46 -9.81 -8.95
CA ILE B 305 12.01 -9.54 -10.24
C ILE B 305 13.41 -10.09 -10.37
N ALA B 306 13.63 -11.03 -11.29
CA ALA B 306 14.98 -11.56 -11.53
C ALA B 306 15.75 -10.79 -12.61
N GLU B 307 15.06 -10.34 -13.65
CA GLU B 307 15.69 -9.53 -14.69
C GLU B 307 14.70 -8.59 -15.33
N LEU B 308 15.22 -7.44 -15.79
CA LEU B 308 14.40 -6.37 -16.37
C LEU B 308 14.99 -5.97 -17.71
N TRP B 309 14.15 -5.90 -18.76
CA TRP B 309 14.64 -5.61 -20.11
C TRP B 309 13.92 -4.45 -20.77
N ARG B 310 14.68 -3.68 -21.53
CA ARG B 310 14.12 -2.77 -22.46
C ARG B 310 14.11 -3.49 -23.82
N VAL B 311 12.96 -3.49 -24.49
CA VAL B 311 12.79 -4.30 -25.68
C VAL B 311 12.23 -3.44 -26.78
N ARG B 312 12.76 -3.59 -27.97
CA ARG B 312 12.29 -2.88 -29.13
C ARG B 312 11.84 -3.85 -30.22
N LYS B 313 10.61 -3.68 -30.66
CA LYS B 313 10.07 -4.57 -31.63
C LYS B 313 9.54 -3.78 -32.84
N PRO B 314 10.00 -4.09 -34.05
CA PRO B 314 9.49 -3.47 -35.26
C PRO B 314 8.04 -3.88 -35.45
N SER B 315 7.28 -3.08 -36.16
CA SER B 315 5.91 -3.42 -36.47
C SER B 315 5.37 -2.64 -37.62
N THR B 316 4.17 -2.94 -37.98
CA THR B 316 3.58 -2.24 -39.09
C THR B 316 3.55 -0.74 -38.79
N ASP B 317 3.39 -0.43 -37.53
CA ASP B 317 3.25 0.93 -37.10
C ASP B 317 4.55 1.53 -36.58
N GLY B 318 5.66 0.92 -36.92
CA GLY B 318 6.96 1.39 -36.45
C GLY B 318 7.42 0.64 -35.21
N ILE B 319 8.54 1.10 -34.64
CA ILE B 319 9.12 0.48 -33.47
C ILE B 319 8.22 0.64 -32.25
N VAL B 320 8.01 -0.44 -31.55
CA VAL B 320 7.30 -0.39 -30.29
C VAL B 320 8.24 -0.75 -29.19
N THR B 321 8.36 0.09 -28.20
CA THR B 321 9.28 -0.07 -27.12
C THR B 321 8.60 -0.48 -25.82
N SER B 322 9.09 -1.50 -25.16
CA SER B 322 8.52 -1.95 -23.90
C SER B 322 9.58 -2.20 -22.85
N TRP B 323 9.20 -2.28 -21.60
CA TRP B 323 10.02 -2.79 -20.55
C TRP B 323 9.36 -4.08 -20.05
N GLU B 324 10.10 -5.12 -19.83
CA GLU B 324 9.58 -6.41 -19.42
C GLU B 324 10.35 -6.95 -18.21
N ALA B 325 9.60 -7.27 -17.17
CA ALA B 325 10.19 -7.77 -15.94
C ALA B 325 9.89 -9.26 -15.83
N PHE B 326 10.91 -10.07 -15.55
CA PHE B 326 10.75 -11.51 -15.46
C PHE B 326 11.10 -12.02 -14.08
N ASP B 327 10.46 -13.10 -13.66
CA ASP B 327 10.77 -13.79 -12.39
C ASP B 327 11.91 -14.77 -12.57
N PRO B 328 12.25 -15.52 -11.53
CA PRO B 328 13.34 -16.47 -11.59
C PRO B 328 13.10 -17.63 -12.54
N ASP B 329 11.89 -17.89 -12.98
CA ASP B 329 11.61 -19.00 -13.88
C ASP B 329 11.54 -18.55 -15.34
N GLY B 330 11.80 -17.28 -15.59
CA GLY B 330 11.75 -16.75 -16.95
C GLY B 330 10.36 -16.33 -17.40
N GLU B 331 9.40 -16.28 -16.49
CA GLU B 331 8.03 -15.86 -16.76
C GLU B 331 7.81 -14.38 -16.56
N LEU B 332 6.96 -13.76 -17.35
CA LEU B 332 6.68 -12.37 -17.27
C LEU B 332 5.96 -11.98 -15.97
N ILE B 333 6.41 -10.92 -15.35
CA ILE B 333 5.75 -10.37 -14.17
C ILE B 333 4.81 -9.25 -14.58
N VAL B 334 5.35 -8.32 -15.40
CA VAL B 334 4.62 -7.14 -15.82
C VAL B 334 5.29 -6.60 -17.08
N GLN B 335 4.56 -5.99 -17.97
CA GLN B 335 5.14 -5.26 -19.11
C GLN B 335 4.58 -3.85 -19.21
N LEU B 336 5.42 -2.92 -19.59
CA LEU B 336 4.98 -1.54 -19.75
C LEU B 336 5.14 -1.11 -21.19
N PHE B 337 4.12 -0.44 -21.73
CA PHE B 337 4.23 0.17 -23.04
C PHE B 337 3.74 1.61 -22.92
N GLY B 338 3.88 2.39 -23.99
CA GLY B 338 3.22 3.69 -24.04
C GLY B 338 1.80 3.49 -24.54
N ALA B 339 0.89 4.37 -24.17
CA ALA B 339 -0.47 4.32 -24.67
C ALA B 339 -0.47 4.61 -26.17
N ARG B 340 -1.17 3.82 -26.93
CA ARG B 340 -1.45 4.16 -28.31
C ARG B 340 -2.65 3.42 -28.89
N LYS B 341 -3.44 4.08 -29.76
CA LYS B 341 -4.40 3.36 -30.63
C LYS B 341 -3.78 2.58 -31.76
N PRO B 342 -4.45 1.56 -32.19
CA PRO B 342 -3.95 0.75 -33.27
C PRO B 342 -3.72 1.64 -34.50
N GLY B 343 -2.66 1.40 -35.22
CA GLY B 343 -2.30 2.12 -36.40
C GLY B 343 -1.38 3.30 -36.19
N GLU B 344 -1.38 3.84 -34.99
CA GLU B 344 -0.50 4.97 -34.67
C GLU B 344 0.87 4.54 -34.11
N PRO B 345 1.93 5.33 -34.41
CA PRO B 345 3.25 5.05 -33.81
C PRO B 345 3.22 5.36 -32.32
N GLU B 346 4.13 4.80 -31.58
CA GLU B 346 4.15 5.02 -30.15
C GLU B 346 4.48 6.48 -29.90
N ARG B 347 4.00 7.01 -28.80
CA ARG B 347 4.19 8.41 -28.49
C ARG B 347 5.68 8.72 -28.21
N ASP B 348 6.11 9.90 -28.61
CA ASP B 348 7.51 10.28 -28.41
C ASP B 348 7.86 10.47 -26.94
N ASP B 349 6.91 10.95 -26.14
CA ASP B 349 7.21 11.09 -24.71
C ASP B 349 7.48 9.74 -24.06
N TRP B 350 6.73 8.71 -24.44
CA TRP B 350 7.01 7.38 -23.92
C TRP B 350 8.39 6.89 -24.36
N ARG B 351 8.68 7.03 -25.65
CA ARG B 351 9.91 6.52 -26.19
C ARG B 351 11.08 7.18 -25.48
N GLU B 352 11.00 8.46 -25.21
CA GLU B 352 12.12 9.18 -24.58
C GLU B 352 12.30 8.66 -23.16
N LEU B 353 11.20 8.54 -22.43
CA LEU B 353 11.26 8.07 -21.05
C LEU B 353 11.89 6.69 -20.97
N ALA B 354 11.41 5.81 -21.84
CA ALA B 354 11.80 4.41 -21.82
C ALA B 354 13.24 4.22 -22.27
N GLU B 355 13.73 5.16 -23.06
CA GLU B 355 15.12 5.11 -23.53
C GLU B 355 16.08 5.84 -22.60
N SER B 356 15.51 6.60 -21.67
CA SER B 356 16.24 7.49 -20.77
C SER B 356 17.16 6.73 -19.85
N PHE B 357 16.72 5.59 -19.39
CA PHE B 357 17.46 4.80 -18.42
C PHE B 357 18.63 4.06 -19.06
N LYS B 358 19.71 3.88 -18.34
CA LYS B 358 20.90 3.31 -18.86
C LYS B 358 21.00 1.80 -18.80
N ALA B 359 21.32 1.19 -19.89
CA ALA B 359 21.49 -0.25 -19.92
C ALA B 359 22.62 -0.68 -18.99
N LEU B 360 22.50 -1.88 -18.43
CA LEU B 360 23.60 -2.47 -17.66
C LEU B 360 24.80 -2.68 -18.57
CHA HEM C . -7.78 14.62 22.33
CHB HEM C . -9.39 18.56 20.26
CHC HEM C . -5.51 20.91 21.86
CHD HEM C . -3.49 16.69 22.85
C1A HEM C . -8.60 15.52 21.70
C2A HEM C . -9.93 15.27 21.26
C3A HEM C . -10.36 16.37 20.70
C4A HEM C . -9.31 17.29 20.75
CMA HEM C . -11.72 16.55 20.09
CAA HEM C . -10.74 14.03 21.41
CBA HEM C . -12.17 14.19 21.97
CGA HEM C . -12.04 14.49 23.42
O1A HEM C . -12.69 15.39 23.95
O2A HEM C . -11.25 13.83 24.04
C1B HEM C . -8.43 19.51 20.56
C2B HEM C . -8.64 20.84 20.17
C3B HEM C . -7.58 21.55 20.60
C4B HEM C . -6.70 20.58 21.28
CMB HEM C . -9.85 21.37 19.44
CAB HEM C . -7.47 23.03 20.38
CBB HEM C . -6.35 23.68 20.28
C1C HEM C . -4.62 20.00 22.28
C2C HEM C . -3.39 20.29 22.85
C3C HEM C . -2.81 19.11 23.15
C4C HEM C . -3.68 18.05 22.75
CMC HEM C . -2.85 21.67 23.11
CAC HEM C . -1.50 18.95 23.75
CBC HEM C . -1.00 17.75 23.77
C1D HEM C . -4.52 15.74 22.82
C2D HEM C . -4.37 14.30 23.19
C3D HEM C . -5.59 13.76 23.05
C4D HEM C . -6.46 14.85 22.59
CMD HEM C . -3.15 13.55 23.66
CAD HEM C . -5.95 12.32 23.31
CBD HEM C . -6.67 12.22 24.64
CGD HEM C . -6.84 10.89 25.30
O1D HEM C . -7.97 10.62 25.65
O2D HEM C . -5.93 10.11 25.53
NA HEM C . -8.23 16.76 21.37
NB HEM C . -7.28 19.38 21.23
NC HEM C . -4.75 18.68 22.24
ND HEM C . -5.78 15.99 22.46
FE HEM C . -6.48 17.60 21.94
CHA HEM D . 0.06 -6.00 -26.80
CHB HEM D . -3.85 -3.89 -28.48
CHC HEM D . -5.96 -8.21 -28.97
CHD HEM D . -2.25 -10.23 -26.72
C1A HEM D . -0.82 -5.08 -27.24
C2A HEM D . -0.58 -3.68 -27.27
C3A HEM D . -1.67 -3.07 -27.74
C4A HEM D . -2.60 -4.09 -27.99
CMA HEM D . -1.87 -1.59 -27.96
CAA HEM D . 0.65 -3.02 -26.85
CBA HEM D . 1.77 -3.50 -27.68
CGA HEM D . 1.72 -2.78 -28.97
O1A HEM D . 1.92 -3.41 -29.99
O2A HEM D . 1.48 -1.59 -28.98
C1B HEM D . -4.77 -4.92 -28.75
C2B HEM D . -6.03 -4.65 -29.28
C3B HEM D . -6.66 -5.84 -29.44
C4B HEM D . -5.71 -6.86 -28.96
CMB HEM D . -6.60 -3.34 -29.63
CAB HEM D . -8.03 -5.94 -29.98
CBB HEM D . -8.71 -7.08 -30.02
C1C HEM D . -5.13 -9.14 -28.44
C2C HEM D . -5.38 -10.51 -28.34
C3C HEM D . -4.32 -11.08 -27.71
C4C HEM D . -3.44 -10.05 -27.37
CMC HEM D . -6.56 -11.22 -28.90
CAC HEM D . -4.10 -12.49 -27.38
CBC HEM D . -4.48 -13.46 -28.20
C1D HEM D . -1.32 -9.20 -26.56
C2D HEM D . 0.01 -9.41 -25.96
C3D HEM D . 0.64 -8.22 -26.03
C4D HEM D . -0.29 -7.31 -26.63
CMD HEM D . 0.57 -10.67 -25.43
CAD HEM D . 2.01 -7.91 -25.58
CBD HEM D . 2.93 -8.19 -26.79
CGD HEM D . 4.41 -8.23 -26.49
O1D HEM D . 5.19 -7.41 -26.99
O2D HEM D . 4.82 -9.09 -25.76
NA HEM D . -2.08 -5.29 -27.67
NB HEM D . -4.62 -6.21 -28.57
NC HEM D . -3.97 -8.90 -27.82
ND HEM D . -1.44 -7.92 -26.93
FE HEM D . -2.91 -7.12 -27.75
#